data_1D0A
#
_entry.id   1D0A
#
_cell.length_a   136.400
_cell.length_b   85.600
_cell.length_c   125.400
_cell.angle_alpha   90.00
_cell.angle_beta   118.90
_cell.angle_gamma   90.00
#
_symmetry.space_group_name_H-M   'C 1 2 1'
#
loop_
_entity.id
_entity.type
_entity.pdbx_description
1 polymer 'TUMOR NECROSIS FACTOR RECEPTOR ASSOCIATED PROTEIN 2'
2 polymer 'OX40L RECEPTOR PEPTIDE'
3 water water
#
loop_
_entity_poly.entity_id
_entity_poly.type
_entity_poly.pdbx_seq_one_letter_code
_entity_poly.pdbx_strand_id
1 'polypeptide(L)'
;AMADLEQKVLEMEASTYDGVFIWKISDFPRKRQEAVAGRIPAIFSPAFYTSRYGYKMCLRIYLNGDGTGRGTHLSLFFVV
MKGPNDALLRWPFNQKVTLMLLDQNNREHVIDAFRPDVTSSSFQRPVNDMNIASGCPLFCPVSKMEAKNSYVRDDAIFIK
AIVDLTGL
;
A,B,C,D,E,F
2 'polypeptide(L)' (ACE)PIQEE G,H,I,J,K,L
#
loop_
_chem_comp.id
_chem_comp.type
_chem_comp.name
_chem_comp.formula
ACE non-polymer 'ACETYL GROUP' 'C2 H4 O'
#
# COMPACT_ATOMS: atom_id res chain seq x y z
N ALA A 1 14.50 14.79 -46.76
CA ALA A 1 15.25 14.72 -45.49
C ALA A 1 15.28 16.07 -44.80
N MET A 2 15.38 17.13 -45.60
CA MET A 2 15.41 18.49 -45.07
C MET A 2 14.16 18.74 -44.23
N ALA A 3 13.00 18.30 -44.74
CA ALA A 3 11.74 18.48 -44.05
C ALA A 3 11.46 17.30 -43.12
N ASP A 4 12.03 16.15 -43.42
CA ASP A 4 11.85 14.96 -42.60
C ASP A 4 12.50 15.17 -41.25
N LEU A 5 13.65 15.84 -41.25
CA LEU A 5 14.38 16.12 -40.02
C LEU A 5 13.65 17.18 -39.22
N GLU A 6 13.00 18.10 -39.92
CA GLU A 6 12.27 19.18 -39.27
C GLU A 6 11.10 18.58 -38.47
N GLN A 7 10.52 17.51 -39.00
CA GLN A 7 9.41 16.85 -38.34
C GLN A 7 9.89 16.18 -37.06
N LYS A 8 11.09 15.60 -37.10
CA LYS A 8 11.66 14.96 -35.93
C LYS A 8 11.88 15.99 -34.83
N VAL A 9 12.38 17.16 -35.20
CA VAL A 9 12.62 18.23 -34.25
C VAL A 9 11.33 18.69 -33.60
N LEU A 10 10.28 18.88 -34.40
CA LEU A 10 8.99 19.30 -33.88
C LEU A 10 8.42 18.26 -32.93
N GLU A 11 8.55 16.99 -33.29
CA GLU A 11 8.04 15.92 -32.43
C GLU A 11 8.75 15.99 -31.09
N MET A 12 10.08 16.07 -31.12
CA MET A 12 10.88 16.14 -29.91
C MET A 12 10.50 17.33 -29.05
N GLU A 13 10.26 18.45 -29.71
CA GLU A 13 9.91 19.70 -29.06
C GLU A 13 8.61 19.60 -28.24
N ALA A 14 7.65 18.83 -28.74
CA ALA A 14 6.36 18.68 -28.07
C ALA A 14 6.24 17.47 -27.13
N SER A 15 7.17 16.52 -27.22
CA SER A 15 7.11 15.33 -26.38
C SER A 15 7.22 15.56 -24.87
N THR A 16 6.48 14.77 -24.10
CA THR A 16 6.53 14.84 -22.64
C THR A 16 6.67 13.40 -22.19
N TYR A 17 7.23 13.19 -20.99
CA TYR A 17 7.42 11.82 -20.50
C TYR A 17 6.85 11.55 -19.11
N ASP A 18 5.76 12.22 -18.76
CA ASP A 18 5.15 12.01 -17.45
C ASP A 18 3.65 11.71 -17.53
N GLY A 19 3.16 11.42 -18.73
CA GLY A 19 1.76 11.10 -18.88
C GLY A 19 0.81 12.29 -18.97
N VAL A 20 1.36 13.50 -18.92
CA VAL A 20 0.56 14.71 -19.01
C VAL A 20 0.92 15.46 -20.30
N PHE A 21 -0.11 15.79 -21.07
CA PHE A 21 0.08 16.47 -22.34
C PHE A 21 -0.91 17.61 -22.55
N ILE A 22 -0.42 18.75 -23.01
CA ILE A 22 -1.30 19.88 -23.29
C ILE A 22 -1.07 20.24 -24.74
N TRP A 23 -2.14 20.13 -25.52
CA TRP A 23 -2.12 20.37 -26.95
C TRP A 23 -2.78 21.69 -27.35
N LYS A 24 -1.98 22.64 -27.82
CA LYS A 24 -2.49 23.93 -28.24
C LYS A 24 -2.83 23.89 -29.74
N ILE A 25 -4.09 24.15 -30.07
CA ILE A 25 -4.50 24.16 -31.47
C ILE A 25 -4.77 25.59 -31.90
N SER A 26 -3.83 26.16 -32.64
CA SER A 26 -3.94 27.52 -33.14
C SER A 26 -4.69 27.53 -34.48
N ASP A 27 -5.08 28.73 -34.94
CA ASP A 27 -5.80 28.85 -36.21
C ASP A 27 -7.06 27.99 -36.16
N PHE A 28 -7.71 28.03 -35.01
CA PHE A 28 -8.93 27.27 -34.75
C PHE A 28 -10.04 27.48 -35.78
N PRO A 29 -10.31 28.74 -36.10
CA PRO A 29 -11.35 29.07 -37.07
C PRO A 29 -11.17 28.33 -38.39
N ARG A 30 -9.98 28.46 -38.98
CA ARG A 30 -9.66 27.83 -40.26
C ARG A 30 -9.78 26.31 -40.22
N LYS A 31 -9.12 25.69 -39.26
CA LYS A 31 -9.15 24.24 -39.12
C LYS A 31 -10.58 23.75 -38.91
N ARG A 32 -11.37 24.56 -38.22
CA ARG A 32 -12.76 24.25 -37.92
C ARG A 32 -13.55 24.16 -39.24
N GLN A 33 -13.32 25.11 -40.15
CA GLN A 33 -14.01 25.13 -41.44
C GLN A 33 -13.57 23.96 -42.31
N GLU A 34 -12.27 23.71 -42.36
CA GLU A 34 -11.73 22.61 -43.16
C GLU A 34 -12.37 21.29 -42.75
N ALA A 35 -12.83 21.21 -41.51
CA ALA A 35 -13.47 20.01 -40.99
C ALA A 35 -14.92 19.95 -41.46
N VAL A 36 -15.61 21.08 -41.33
CA VAL A 36 -17.01 21.17 -41.73
C VAL A 36 -17.12 20.87 -43.23
N ALA A 37 -16.15 21.39 -43.99
CA ALA A 37 -16.14 21.18 -45.43
C ALA A 37 -15.70 19.76 -45.77
N GLY A 38 -15.21 19.02 -44.77
CA GLY A 38 -14.76 17.65 -44.99
C GLY A 38 -13.41 17.54 -45.69
N ARG A 39 -12.71 18.66 -45.82
CA ARG A 39 -11.40 18.68 -46.48
C ARG A 39 -10.34 18.06 -45.56
N ILE A 40 -10.47 18.32 -44.27
CA ILE A 40 -9.56 17.79 -43.26
C ILE A 40 -10.40 17.46 -42.04
N PRO A 41 -11.07 16.29 -42.07
CA PRO A 41 -11.92 15.85 -40.97
C PRO A 41 -11.26 15.66 -39.60
N ALA A 42 -10.02 15.16 -39.58
CA ALA A 42 -9.33 14.94 -38.31
C ALA A 42 -7.89 15.43 -38.26
N ILE A 43 -7.37 15.59 -37.04
CA ILE A 43 -6.00 16.06 -36.82
C ILE A 43 -5.35 15.26 -35.69
N PHE A 44 -4.10 14.82 -35.89
CA PHE A 44 -3.37 14.08 -34.86
C PHE A 44 -2.50 15.07 -34.08
N SER A 45 -2.27 14.79 -32.81
CA SER A 45 -1.43 15.65 -31.97
C SER A 45 -0.05 15.00 -31.95
N PRO A 46 0.97 15.73 -31.49
CA PRO A 46 2.30 15.11 -31.44
C PRO A 46 2.21 13.97 -30.41
N ALA A 47 3.23 13.13 -30.37
CA ALA A 47 3.24 12.01 -29.44
C ALA A 47 3.80 12.37 -28.05
N PHE A 48 3.39 11.62 -27.03
CA PHE A 48 3.87 11.82 -25.66
C PHE A 48 3.94 10.45 -24.99
N TYR A 49 4.63 10.35 -23.84
CA TYR A 49 4.82 9.06 -23.18
C TYR A 49 4.49 9.00 -21.69
N THR A 50 4.31 7.79 -21.19
CA THR A 50 4.01 7.60 -19.77
C THR A 50 5.26 7.69 -18.89
N SER A 51 6.42 7.46 -19.50
CA SER A 51 7.71 7.53 -18.82
C SER A 51 8.78 7.63 -19.89
N ARG A 52 10.03 7.86 -19.48
CA ARG A 52 11.11 8.02 -20.45
C ARG A 52 11.13 6.92 -21.51
N TYR A 53 10.83 5.69 -21.08
CA TYR A 53 10.80 4.55 -22.01
C TYR A 53 9.47 3.80 -21.89
N GLY A 54 8.38 4.55 -21.72
CA GLY A 54 7.06 3.93 -21.58
C GLY A 54 6.24 3.88 -22.85
N TYR A 55 4.91 3.81 -22.69
CA TYR A 55 4.02 3.74 -23.86
C TYR A 55 4.08 5.03 -24.67
N LYS A 56 3.94 4.91 -25.99
CA LYS A 56 3.95 6.08 -26.88
C LYS A 56 2.48 6.29 -27.25
N MET A 57 2.00 7.53 -27.07
CA MET A 57 0.59 7.85 -27.32
C MET A 57 0.40 9.20 -28.02
N CYS A 58 -0.81 9.42 -28.54
CA CYS A 58 -1.14 10.71 -29.14
C CYS A 58 -2.66 10.84 -29.14
N LEU A 59 -3.15 12.02 -29.51
CA LEU A 59 -4.58 12.26 -29.56
C LEU A 59 -5.01 12.52 -31.00
N ARG A 60 -6.31 12.35 -31.25
CA ARG A 60 -6.86 12.60 -32.57
C ARG A 60 -8.18 13.33 -32.33
N ILE A 61 -8.39 14.44 -33.03
CA ILE A 61 -9.62 15.18 -32.84
C ILE A 61 -10.36 15.44 -34.14
N TYR A 62 -11.69 15.46 -34.05
CA TYR A 62 -12.55 15.75 -35.19
C TYR A 62 -13.28 17.03 -34.80
N LEU A 63 -12.84 18.17 -35.34
CA LEU A 63 -13.44 19.44 -34.99
C LEU A 63 -14.92 19.58 -35.37
N ASN A 64 -15.43 18.69 -36.22
CA ASN A 64 -16.84 18.75 -36.59
C ASN A 64 -17.49 17.37 -36.36
N GLY A 65 -16.92 16.62 -35.41
CA GLY A 65 -17.46 15.32 -35.03
C GLY A 65 -17.23 14.05 -35.85
N ASP A 66 -17.26 12.93 -35.15
CA ASP A 66 -17.10 11.61 -35.74
C ASP A 66 -18.20 10.68 -35.23
N GLY A 67 -18.68 9.80 -36.09
CA GLY A 67 -19.73 8.87 -35.71
C GLY A 67 -20.96 9.53 -35.10
N THR A 68 -21.33 9.09 -33.90
CA THR A 68 -22.51 9.63 -33.22
C THR A 68 -22.47 11.14 -32.98
N GLY A 69 -21.28 11.74 -33.09
CA GLY A 69 -21.16 13.17 -32.87
C GLY A 69 -20.93 13.97 -34.14
N ARG A 70 -20.90 13.29 -35.28
CA ARG A 70 -20.67 13.95 -36.56
C ARG A 70 -21.63 15.13 -36.76
N GLY A 71 -21.06 16.27 -37.14
CA GLY A 71 -21.85 17.46 -37.38
C GLY A 71 -22.38 18.21 -36.17
N THR A 72 -22.32 17.60 -35.00
CA THR A 72 -22.85 18.23 -33.79
C THR A 72 -21.85 18.44 -32.64
N HIS A 73 -20.80 17.62 -32.59
CA HIS A 73 -19.84 17.73 -31.50
C HIS A 73 -18.38 17.74 -31.91
N LEU A 74 -17.54 18.06 -30.92
CA LEU A 74 -16.10 18.04 -31.07
C LEU A 74 -15.85 16.61 -30.60
N SER A 75 -15.22 15.78 -31.43
CA SER A 75 -14.95 14.42 -31.02
C SER A 75 -13.45 14.29 -30.73
N LEU A 76 -13.11 13.74 -29.57
CA LEU A 76 -11.71 13.60 -29.18
C LEU A 76 -11.40 12.14 -28.81
N PHE A 77 -10.35 11.59 -29.40
CA PHE A 77 -9.95 10.21 -29.15
C PHE A 77 -8.49 10.05 -28.72
N PHE A 78 -8.23 8.95 -28.03
CA PHE A 78 -6.91 8.56 -27.53
C PHE A 78 -6.33 7.55 -28.51
N VAL A 79 -5.02 7.56 -28.67
CA VAL A 79 -4.35 6.64 -29.59
C VAL A 79 -3.08 5.99 -29.02
N VAL A 80 -3.06 4.66 -28.98
CA VAL A 80 -1.87 3.94 -28.53
C VAL A 80 -1.02 3.74 -29.79
N MET A 81 0.21 4.24 -29.76
CA MET A 81 1.10 4.12 -30.92
C MET A 81 2.18 3.07 -30.68
N LYS A 82 2.81 2.62 -31.76
CA LYS A 82 3.89 1.64 -31.64
C LYS A 82 5.10 2.37 -31.05
N GLY A 83 5.52 1.97 -29.86
CA GLY A 83 6.66 2.63 -29.22
C GLY A 83 7.94 1.83 -29.33
N PRO A 84 9.10 2.47 -29.15
CA PRO A 84 10.42 1.83 -29.24
C PRO A 84 10.64 0.73 -28.22
N ASN A 85 9.99 0.86 -27.07
CA ASN A 85 10.17 -0.08 -25.98
C ASN A 85 8.98 -0.98 -25.70
N ASP A 86 8.05 -1.08 -26.63
CA ASP A 86 6.86 -1.91 -26.42
C ASP A 86 7.14 -3.32 -25.92
N ALA A 87 8.29 -3.87 -26.30
CA ALA A 87 8.62 -5.23 -25.87
C ALA A 87 8.81 -5.36 -24.37
N LEU A 88 9.14 -4.24 -23.73
CA LEU A 88 9.38 -4.21 -22.29
C LEU A 88 8.15 -3.84 -21.48
N LEU A 89 7.04 -3.53 -22.15
CA LEU A 89 5.81 -3.13 -21.47
C LEU A 89 4.72 -4.20 -21.36
N ARG A 90 3.82 -4.03 -20.41
CA ARG A 90 2.74 -4.98 -20.24
C ARG A 90 1.61 -4.63 -21.19
N TRP A 91 0.95 -5.65 -21.73
CA TRP A 91 -0.17 -5.45 -22.65
C TRP A 91 -1.32 -6.38 -22.28
N PRO A 92 -2.56 -5.98 -22.58
CA PRO A 92 -2.94 -4.74 -23.25
C PRO A 92 -2.74 -3.49 -22.39
N PHE A 93 -2.78 -2.32 -23.02
CA PHE A 93 -2.64 -1.04 -22.32
C PHE A 93 -3.83 -0.95 -21.37
N ASN A 94 -3.60 -0.66 -20.10
CA ASN A 94 -4.71 -0.58 -19.15
C ASN A 94 -4.62 0.57 -18.14
N GLN A 95 -4.25 1.75 -18.61
CA GLN A 95 -4.14 2.92 -17.74
C GLN A 95 -5.34 3.82 -17.96
N LYS A 96 -5.87 4.39 -16.88
CA LYS A 96 -7.01 5.30 -16.99
C LYS A 96 -6.56 6.55 -17.75
N VAL A 97 -7.43 7.09 -18.60
CA VAL A 97 -7.11 8.28 -19.38
C VAL A 97 -8.15 9.38 -19.14
N THR A 98 -7.67 10.58 -18.83
CA THR A 98 -8.53 11.73 -18.59
C THR A 98 -8.27 12.72 -19.71
N LEU A 99 -9.34 13.24 -20.30
CA LEU A 99 -9.26 14.21 -21.41
C LEU A 99 -10.02 15.47 -21.04
N MET A 100 -9.47 16.63 -21.40
CA MET A 100 -10.11 17.90 -21.06
C MET A 100 -9.98 18.97 -22.15
N LEU A 101 -10.96 19.86 -22.20
CA LEU A 101 -10.96 21.02 -23.09
C LEU A 101 -10.85 22.13 -22.06
N LEU A 102 -9.75 22.86 -22.05
CA LEU A 102 -9.56 23.89 -21.05
C LEU A 102 -10.31 25.20 -21.23
N ASP A 103 -10.90 25.68 -20.14
CA ASP A 103 -11.61 26.93 -20.16
C ASP A 103 -10.55 27.98 -19.87
N GLN A 104 -10.32 28.88 -20.83
CA GLN A 104 -9.29 29.89 -20.65
C GLN A 104 -9.66 31.00 -19.66
N ASN A 105 -10.64 30.70 -18.81
CA ASN A 105 -11.09 31.58 -17.75
C ASN A 105 -11.17 30.72 -16.49
N ASN A 106 -10.50 29.57 -16.54
CA ASN A 106 -10.48 28.59 -15.44
C ASN A 106 -11.78 28.45 -14.68
N ARG A 107 -12.89 28.75 -15.34
CA ARG A 107 -14.20 28.64 -14.71
C ARG A 107 -14.65 27.18 -14.77
N GLU A 108 -14.96 26.70 -15.97
CA GLU A 108 -15.43 25.32 -16.12
C GLU A 108 -14.85 24.55 -17.30
N HIS A 109 -13.88 23.67 -17.01
CA HIS A 109 -13.25 22.87 -18.06
C HIS A 109 -14.16 21.71 -18.47
N VAL A 110 -14.12 21.33 -19.74
CA VAL A 110 -14.90 20.18 -20.20
C VAL A 110 -14.02 18.99 -19.87
N ILE A 111 -14.56 17.99 -19.17
CA ILE A 111 -13.77 16.84 -18.78
C ILE A 111 -14.50 15.50 -18.87
N ASP A 112 -13.74 14.46 -19.24
CA ASP A 112 -14.28 13.12 -19.34
C ASP A 112 -13.10 12.19 -19.07
N ALA A 113 -13.38 10.93 -18.79
CA ALA A 113 -12.32 9.97 -18.52
C ALA A 113 -12.82 8.55 -18.71
N PHE A 114 -11.91 7.64 -19.02
CA PHE A 114 -12.30 6.26 -19.23
C PHE A 114 -11.18 5.29 -18.89
N ARG A 115 -11.57 4.05 -18.69
CA ARG A 115 -10.61 3.00 -18.43
C ARG A 115 -10.61 2.18 -19.71
N PRO A 116 -9.43 1.79 -20.20
CA PRO A 116 -9.33 1.01 -21.43
C PRO A 116 -10.19 -0.25 -21.47
N ASP A 117 -10.73 -0.52 -22.65
CA ASP A 117 -11.53 -1.72 -22.89
C ASP A 117 -10.50 -2.76 -23.30
N VAL A 118 -10.04 -3.53 -22.31
CA VAL A 118 -9.03 -4.56 -22.49
C VAL A 118 -9.25 -5.54 -23.65
N THR A 119 -10.48 -5.65 -24.15
CA THR A 119 -10.76 -6.56 -25.25
C THR A 119 -10.73 -5.87 -26.60
N SER A 120 -10.64 -4.54 -26.58
CA SER A 120 -10.60 -3.77 -27.81
C SER A 120 -9.23 -3.78 -28.47
N SER A 121 -9.22 -3.84 -29.80
CA SER A 121 -7.97 -3.84 -30.53
C SER A 121 -7.22 -2.52 -30.31
N SER A 122 -7.96 -1.49 -29.88
CA SER A 122 -7.38 -0.18 -29.62
C SER A 122 -6.30 -0.20 -28.54
N PHE A 123 -6.35 -1.19 -27.65
CA PHE A 123 -5.37 -1.26 -26.58
C PHE A 123 -4.43 -2.46 -26.55
N GLN A 124 -4.32 -3.18 -27.67
CA GLN A 124 -3.42 -4.32 -27.74
C GLN A 124 -2.05 -3.80 -28.18
N ARG A 125 -1.01 -4.62 -28.11
CA ARG A 125 0.30 -4.16 -28.55
C ARG A 125 0.22 -3.87 -30.03
N PRO A 126 0.59 -2.64 -30.43
CA PRO A 126 0.58 -2.16 -31.82
C PRO A 126 1.36 -3.01 -32.83
N VAL A 127 0.71 -3.31 -33.94
CA VAL A 127 1.33 -4.06 -35.02
C VAL A 127 1.63 -3.02 -36.10
N ASN A 128 0.72 -2.07 -36.25
CA ASN A 128 0.87 -0.99 -37.22
C ASN A 128 1.43 0.24 -36.49
N ASP A 129 1.59 1.34 -37.20
CA ASP A 129 2.15 2.55 -36.59
C ASP A 129 1.26 3.05 -35.45
N MET A 130 -0.06 2.90 -35.61
CA MET A 130 -1.02 3.32 -34.59
C MET A 130 -2.20 2.37 -34.55
N ASN A 131 -2.81 2.22 -33.38
CA ASN A 131 -4.00 1.39 -33.27
C ASN A 131 -5.20 2.27 -33.62
N ILE A 132 -6.38 1.67 -33.66
CA ILE A 132 -7.62 2.40 -33.94
C ILE A 132 -7.81 3.36 -32.76
N ALA A 133 -8.11 4.62 -33.04
CA ALA A 133 -8.33 5.59 -31.95
C ALA A 133 -9.60 5.22 -31.20
N SER A 134 -9.64 5.56 -29.91
CA SER A 134 -10.79 5.26 -29.08
C SER A 134 -10.96 6.37 -28.06
N GLY A 135 -12.20 6.75 -27.76
CA GLY A 135 -12.38 7.81 -26.80
C GLY A 135 -13.78 8.37 -26.62
N CYS A 136 -13.93 9.65 -26.91
CA CYS A 136 -15.19 10.36 -26.71
C CYS A 136 -15.79 11.03 -27.94
N PRO A 137 -16.69 10.31 -28.65
CA PRO A 137 -17.31 10.89 -29.84
C PRO A 137 -18.17 12.12 -29.53
N LEU A 138 -18.72 12.18 -28.32
CA LEU A 138 -19.56 13.30 -27.90
C LEU A 138 -18.87 14.08 -26.80
N PHE A 139 -17.60 14.43 -27.02
CA PHE A 139 -16.82 15.14 -26.02
C PHE A 139 -17.35 16.54 -25.70
N CYS A 140 -17.63 17.33 -26.73
CA CYS A 140 -18.11 18.69 -26.52
C CYS A 140 -18.99 19.19 -27.66
N PRO A 141 -20.20 19.69 -27.34
CA PRO A 141 -21.13 20.21 -28.34
C PRO A 141 -20.49 21.38 -29.07
N VAL A 142 -20.59 21.39 -30.39
CA VAL A 142 -20.00 22.47 -31.19
C VAL A 142 -20.49 23.85 -30.75
N SER A 143 -21.68 23.90 -30.16
CA SER A 143 -22.26 25.16 -29.72
C SER A 143 -21.55 25.68 -28.46
N LYS A 144 -21.25 24.77 -27.54
CA LYS A 144 -20.58 25.15 -26.31
C LYS A 144 -19.26 25.84 -26.63
N MET A 145 -18.34 25.11 -27.25
CA MET A 145 -17.07 25.70 -27.62
C MET A 145 -17.35 26.56 -28.85
N GLU A 146 -16.34 26.71 -29.70
CA GLU A 146 -16.46 27.49 -30.92
C GLU A 146 -17.21 28.81 -30.73
N ALA A 147 -18.53 28.78 -30.93
CA ALA A 147 -19.41 29.94 -30.79
C ALA A 147 -18.79 31.08 -30.00
N LYS A 148 -19.04 31.11 -28.70
CA LYS A 148 -18.47 32.15 -27.83
C LYS A 148 -17.75 31.44 -26.71
N ASN A 149 -18.26 31.60 -25.49
CA ASN A 149 -17.66 30.97 -24.32
C ASN A 149 -16.19 31.34 -24.17
N SER A 150 -15.53 30.69 -23.21
CA SER A 150 -14.14 30.97 -22.94
C SER A 150 -13.18 29.86 -23.34
N TYR A 151 -13.61 28.97 -24.23
CA TYR A 151 -12.73 27.88 -24.66
C TYR A 151 -11.86 28.34 -25.79
N VAL A 152 -12.43 29.13 -26.70
CA VAL A 152 -11.67 29.66 -27.83
C VAL A 152 -11.30 31.10 -27.51
N ARG A 153 -10.00 31.40 -27.52
CA ARG A 153 -9.52 32.74 -27.23
C ARG A 153 -8.33 33.02 -28.14
N ASP A 154 -8.36 34.17 -28.80
CA ASP A 154 -7.30 34.54 -29.73
C ASP A 154 -7.14 33.44 -30.77
N ASP A 155 -8.28 32.87 -31.17
CA ASP A 155 -8.34 31.83 -32.19
C ASP A 155 -7.55 30.56 -31.88
N ALA A 156 -7.55 30.14 -30.62
CA ALA A 156 -6.83 28.95 -30.21
C ALA A 156 -7.50 28.28 -29.03
N ILE A 157 -7.37 26.95 -28.96
CA ILE A 157 -7.95 26.19 -27.84
C ILE A 157 -6.85 25.30 -27.27
N PHE A 158 -7.04 24.84 -26.04
CA PHE A 158 -6.08 23.94 -25.39
C PHE A 158 -6.75 22.65 -24.94
N ILE A 159 -6.24 21.52 -25.41
CA ILE A 159 -6.73 20.20 -25.05
C ILE A 159 -5.70 19.59 -24.09
N LYS A 160 -6.14 18.99 -22.99
CA LYS A 160 -5.21 18.38 -22.04
C LYS A 160 -5.53 16.91 -21.82
N ALA A 161 -4.47 16.11 -21.72
CA ALA A 161 -4.61 14.68 -21.47
C ALA A 161 -3.78 14.29 -20.26
N ILE A 162 -4.34 13.42 -19.42
CA ILE A 162 -3.64 12.94 -18.24
C ILE A 162 -3.79 11.43 -18.20
N VAL A 163 -2.66 10.73 -18.30
CA VAL A 163 -2.65 9.28 -18.26
C VAL A 163 -2.25 8.85 -16.86
N ASP A 164 -3.13 8.14 -16.18
CA ASP A 164 -2.84 7.68 -14.83
C ASP A 164 -1.68 6.68 -14.88
N LEU A 165 -0.72 6.86 -13.98
CA LEU A 165 0.46 5.99 -13.96
C LEU A 165 0.43 4.90 -12.88
N THR A 166 -0.74 4.65 -12.31
CA THR A 166 -0.87 3.62 -11.29
C THR A 166 -0.43 2.28 -11.86
N GLY A 167 0.55 1.64 -11.20
CA GLY A 167 1.02 0.36 -11.67
C GLY A 167 2.28 0.43 -12.51
N LEU A 168 2.64 1.62 -12.96
CA LEU A 168 3.82 1.80 -13.78
C LEU A 168 4.94 2.42 -12.95
N ALA B 1 27.23 19.64 -42.61
CA ALA B 1 26.36 20.20 -41.55
C ALA B 1 24.98 19.55 -41.58
N MET B 2 24.52 19.21 -42.77
CA MET B 2 23.22 18.59 -42.94
C MET B 2 23.15 17.29 -42.14
N ALA B 3 24.18 16.46 -42.30
CA ALA B 3 24.24 15.19 -41.59
C ALA B 3 24.73 15.41 -40.15
N ASP B 4 25.54 16.45 -39.97
CA ASP B 4 26.07 16.78 -38.65
C ASP B 4 24.92 17.21 -37.72
N LEU B 5 23.95 17.93 -38.27
CA LEU B 5 22.80 18.37 -37.49
C LEU B 5 21.91 17.19 -37.20
N GLU B 6 21.83 16.26 -38.15
CA GLU B 6 21.01 15.07 -37.98
C GLU B 6 21.55 14.27 -36.80
N GLN B 7 22.86 14.33 -36.62
CA GLN B 7 23.52 13.62 -35.52
C GLN B 7 23.16 14.25 -34.17
N LYS B 8 23.19 15.57 -34.10
CA LYS B 8 22.85 16.27 -32.87
C LYS B 8 21.43 15.93 -32.43
N VAL B 9 20.51 15.90 -33.39
CA VAL B 9 19.12 15.60 -33.09
C VAL B 9 18.97 14.19 -32.49
N LEU B 10 19.66 13.23 -33.10
CA LEU B 10 19.63 11.86 -32.61
C LEU B 10 20.16 11.72 -31.19
N GLU B 11 21.23 12.45 -30.89
CA GLU B 11 21.82 12.41 -29.55
C GLU B 11 20.84 12.96 -28.55
N MET B 12 20.26 14.12 -28.87
CA MET B 12 19.28 14.77 -28.00
C MET B 12 18.08 13.87 -27.79
N GLU B 13 17.69 13.18 -28.84
CA GLU B 13 16.55 12.28 -28.82
C GLU B 13 16.76 11.15 -27.80
N ALA B 14 18.00 10.70 -27.64
CA ALA B 14 18.33 9.61 -26.73
C ALA B 14 18.79 10.02 -25.32
N SER B 15 19.21 11.26 -25.14
CA SER B 15 19.68 11.74 -23.85
C SER B 15 18.68 11.64 -22.69
N THR B 16 19.19 11.35 -21.49
CA THR B 16 18.35 11.28 -20.29
C THR B 16 19.14 12.05 -19.23
N TYR B 17 18.45 12.61 -18.24
CA TYR B 17 19.13 13.38 -17.21
C TYR B 17 18.87 12.96 -15.77
N ASP B 18 18.69 11.66 -15.55
CA ASP B 18 18.46 11.16 -14.21
C ASP B 18 19.30 9.91 -13.87
N GLY B 19 20.36 9.67 -14.65
CA GLY B 19 21.22 8.54 -14.39
C GLY B 19 20.74 7.18 -14.87
N VAL B 20 19.54 7.14 -15.48
CA VAL B 20 19.00 5.89 -15.96
C VAL B 20 18.98 5.91 -17.48
N PHE B 21 19.56 4.87 -18.09
CA PHE B 21 19.63 4.81 -19.55
C PHE B 21 19.30 3.42 -20.08
N ILE B 22 18.41 3.36 -21.07
CA ILE B 22 18.04 2.10 -21.70
C ILE B 22 18.44 2.22 -23.16
N TRP B 23 19.35 1.34 -23.56
CA TRP B 23 19.89 1.33 -24.92
C TRP B 23 19.36 0.16 -25.74
N LYS B 24 18.60 0.46 -26.79
CA LYS B 24 18.05 -0.57 -27.66
C LYS B 24 18.97 -0.76 -28.86
N ILE B 25 19.46 -1.98 -29.04
CA ILE B 25 20.34 -2.29 -30.16
C ILE B 25 19.57 -3.16 -31.14
N SER B 26 19.14 -2.56 -32.25
CA SER B 26 18.39 -3.28 -33.28
C SER B 26 19.33 -3.89 -34.31
N ASP B 27 18.79 -4.75 -35.17
CA ASP B 27 19.61 -5.41 -36.19
C ASP B 27 20.75 -6.16 -35.50
N PHE B 28 20.42 -6.81 -34.40
CA PHE B 28 21.39 -7.56 -33.60
C PHE B 28 22.25 -8.56 -34.37
N PRO B 29 21.61 -9.41 -35.16
CA PRO B 29 22.33 -10.42 -35.94
C PRO B 29 23.45 -9.81 -36.79
N ARG B 30 23.10 -8.79 -37.57
CA ARG B 30 24.09 -8.13 -38.42
C ARG B 30 25.27 -7.56 -37.63
N LYS B 31 24.98 -6.76 -36.61
CA LYS B 31 26.03 -6.15 -35.79
C LYS B 31 26.89 -7.19 -35.10
N ARG B 32 26.28 -8.34 -34.81
CA ARG B 32 26.95 -9.44 -34.16
C ARG B 32 27.98 -10.02 -35.15
N GLN B 33 27.59 -10.14 -36.42
CA GLN B 33 28.50 -10.65 -37.42
C GLN B 33 29.64 -9.69 -37.69
N GLU B 34 29.33 -8.40 -37.72
CA GLU B 34 30.33 -7.38 -37.97
C GLU B 34 31.38 -7.42 -36.85
N ALA B 35 30.95 -7.84 -35.67
CA ALA B 35 31.85 -7.93 -34.51
C ALA B 35 32.71 -9.18 -34.61
N VAL B 36 32.09 -10.29 -34.96
CA VAL B 36 32.80 -11.57 -35.11
C VAL B 36 33.87 -11.47 -36.20
N ALA B 37 33.50 -10.85 -37.32
CA ALA B 37 34.42 -10.69 -38.44
C ALA B 37 35.53 -9.68 -38.13
N GLY B 38 35.32 -8.85 -37.13
CA GLY B 38 36.32 -7.87 -36.76
C GLY B 38 36.20 -6.53 -37.50
N ARG B 39 35.15 -6.37 -38.30
CA ARG B 39 34.97 -5.13 -39.03
C ARG B 39 34.55 -3.99 -38.08
N ILE B 40 33.67 -4.31 -37.12
CA ILE B 40 33.20 -3.34 -36.15
C ILE B 40 33.20 -4.05 -34.79
N PRO B 41 34.36 -4.07 -34.12
CA PRO B 41 34.50 -4.72 -32.82
C PRO B 41 33.61 -4.15 -31.72
N ALA B 42 33.50 -2.82 -31.70
CA ALA B 42 32.70 -2.16 -30.66
C ALA B 42 31.76 -1.07 -31.14
N ILE B 43 30.81 -0.72 -30.28
CA ILE B 43 29.81 0.29 -30.56
C ILE B 43 29.60 1.18 -29.33
N PHE B 44 29.50 2.48 -29.53
CA PHE B 44 29.26 3.41 -28.42
C PHE B 44 27.76 3.73 -28.44
N SER B 45 27.17 3.94 -27.27
CA SER B 45 25.75 4.31 -27.17
C SER B 45 25.69 5.83 -27.14
N PRO B 46 24.49 6.41 -27.25
CA PRO B 46 24.37 7.87 -27.20
C PRO B 46 24.71 8.28 -25.76
N ALA B 47 24.90 9.57 -25.52
CA ALA B 47 25.24 10.06 -24.19
C ALA B 47 24.04 10.29 -23.27
N PHE B 48 24.28 10.21 -21.96
CA PHE B 48 23.25 10.47 -20.95
C PHE B 48 23.93 11.12 -19.73
N TYR B 49 23.14 11.69 -18.82
CA TYR B 49 23.71 12.43 -17.69
C TYR B 49 23.13 12.09 -16.32
N THR B 50 23.83 12.48 -15.26
CA THR B 50 23.36 12.23 -13.90
C THR B 50 22.29 13.24 -13.47
N SER B 51 22.30 14.41 -14.08
CA SER B 51 21.35 15.46 -13.78
C SER B 51 21.43 16.45 -14.94
N ARG B 52 20.54 17.43 -14.95
CA ARG B 52 20.51 18.40 -16.04
C ARG B 52 21.88 18.99 -16.38
N TYR B 53 22.70 19.25 -15.37
CA TYR B 53 24.04 19.79 -15.58
C TYR B 53 25.07 18.91 -14.87
N GLY B 54 24.90 17.60 -14.96
CA GLY B 54 25.82 16.68 -14.30
C GLY B 54 26.87 16.05 -15.21
N TYR B 55 27.42 14.91 -14.78
CA TYR B 55 28.43 14.21 -15.57
C TYR B 55 27.83 13.70 -16.88
N LYS B 56 28.63 13.69 -17.94
CA LYS B 56 28.20 13.19 -19.26
C LYS B 56 28.82 11.80 -19.40
N MET B 57 28.00 10.81 -19.76
CA MET B 57 28.46 9.43 -19.86
C MET B 57 27.85 8.68 -21.05
N CYS B 58 28.43 7.52 -21.36
CA CYS B 58 27.89 6.65 -22.40
C CYS B 58 28.38 5.24 -22.11
N LEU B 59 27.97 4.29 -22.95
CA LEU B 59 28.37 2.90 -22.78
C LEU B 59 29.11 2.46 -24.05
N ARG B 60 29.90 1.41 -23.94
CA ARG B 60 30.60 0.85 -25.09
C ARG B 60 30.48 -0.65 -24.97
N ILE B 61 30.04 -1.30 -26.04
CA ILE B 61 29.86 -2.73 -26.00
C ILE B 61 30.64 -3.43 -27.11
N TYR B 62 31.11 -4.63 -26.82
CA TYR B 62 31.83 -5.46 -27.79
C TYR B 62 30.96 -6.71 -27.90
N LEU B 63 30.16 -6.80 -28.96
CA LEU B 63 29.28 -7.94 -29.15
C LEU B 63 29.98 -9.29 -29.21
N ASN B 64 31.28 -9.29 -29.52
CA ASN B 64 32.01 -10.56 -29.54
C ASN B 64 33.17 -10.56 -28.54
N GLY B 65 33.12 -9.65 -27.57
CA GLY B 65 34.11 -9.61 -26.50
C GLY B 65 35.38 -8.80 -26.62
N ASP B 66 35.90 -8.41 -25.45
CA ASP B 66 37.14 -7.63 -25.34
C ASP B 66 38.03 -8.24 -24.26
N GLY B 67 39.34 -8.15 -24.48
CA GLY B 67 40.30 -8.68 -23.53
C GLY B 67 39.98 -10.09 -23.06
N THR B 68 39.87 -10.27 -21.75
CA THR B 68 39.58 -11.57 -21.16
C THR B 68 38.26 -12.18 -21.67
N GLY B 69 37.42 -11.38 -22.31
CA GLY B 69 36.17 -11.91 -22.81
C GLY B 69 36.13 -12.08 -24.32
N ARG B 70 37.22 -11.70 -24.98
CA ARG B 70 37.30 -11.79 -26.43
C ARG B 70 36.93 -13.15 -26.98
N GLY B 71 35.98 -13.15 -27.92
CA GLY B 71 35.54 -14.38 -28.57
C GLY B 71 34.62 -15.27 -27.76
N THR B 72 34.46 -14.98 -26.48
CA THR B 72 33.60 -15.81 -25.63
C THR B 72 32.46 -15.08 -24.93
N HIS B 73 32.63 -13.78 -24.68
CA HIS B 73 31.60 -13.03 -23.99
C HIS B 73 31.19 -11.71 -24.63
N LEU B 74 30.05 -11.22 -24.17
CA LEU B 74 29.52 -9.93 -24.58
C LEU B 74 30.23 -9.07 -23.54
N SER B 75 31.01 -8.08 -23.99
CA SER B 75 31.73 -7.21 -23.06
C SER B 75 31.06 -5.84 -23.05
N LEU B 76 30.75 -5.35 -21.85
CA LEU B 76 30.06 -4.06 -21.70
C LEU B 76 30.82 -3.12 -20.77
N PHE B 77 31.13 -1.92 -21.27
CA PHE B 77 31.87 -0.94 -20.49
C PHE B 77 31.17 0.40 -20.28
N PHE B 78 31.59 1.10 -19.23
CA PHE B 78 31.06 2.43 -18.85
C PHE B 78 32.08 3.46 -19.34
N VAL B 79 31.62 4.63 -19.76
CA VAL B 79 32.53 5.66 -20.26
C VAL B 79 32.21 7.07 -19.72
N VAL B 80 33.21 7.71 -19.13
CA VAL B 80 33.05 9.07 -18.62
C VAL B 80 33.48 9.97 -19.77
N MET B 81 32.58 10.81 -20.25
CA MET B 81 32.89 11.71 -21.35
C MET B 81 33.15 13.13 -20.85
N LYS B 82 33.75 13.95 -21.71
CA LYS B 82 33.99 15.34 -21.34
C LYS B 82 32.63 16.04 -21.41
N GLY B 83 32.16 16.52 -20.26
CA GLY B 83 30.87 17.19 -20.22
C GLY B 83 31.02 18.70 -20.18
N PRO B 84 30.00 19.46 -20.61
CA PRO B 84 30.04 20.93 -20.63
C PRO B 84 30.17 21.59 -19.25
N ASN B 85 29.78 20.89 -18.21
CA ASN B 85 29.83 21.45 -16.87
C ASN B 85 30.84 20.77 -15.93
N ASP B 86 31.82 20.07 -16.50
CA ASP B 86 32.79 19.36 -15.65
C ASP B 86 33.50 20.24 -14.62
N ALA B 87 33.66 21.53 -14.91
CA ALA B 87 34.32 22.43 -13.98
C ALA B 87 33.58 22.58 -12.66
N LEU B 88 32.27 22.33 -12.69
CA LEU B 88 31.43 22.45 -11.49
C LEU B 88 31.26 21.13 -10.74
N LEU B 89 31.81 20.06 -11.30
CA LEU B 89 31.68 18.73 -10.71
C LEU B 89 32.87 18.23 -9.92
N ARG B 90 32.62 17.28 -9.03
CA ARG B 90 33.67 16.71 -8.20
C ARG B 90 34.39 15.59 -8.95
N TRP B 91 35.71 15.56 -8.85
CA TRP B 91 36.50 14.52 -9.49
C TRP B 91 37.47 13.92 -8.49
N PRO B 92 37.80 12.62 -8.66
CA PRO B 92 37.32 11.74 -9.72
C PRO B 92 35.86 11.31 -9.60
N PHE B 93 35.31 10.83 -10.72
CA PHE B 93 33.94 10.34 -10.79
C PHE B 93 33.86 9.22 -9.75
N ASN B 94 32.86 9.24 -8.88
CA ASN B 94 32.79 8.21 -7.86
C ASN B 94 31.38 7.71 -7.52
N GLN B 95 30.54 7.52 -8.54
CA GLN B 95 29.19 7.03 -8.34
C GLN B 95 29.15 5.54 -8.69
N LYS B 96 28.31 4.79 -7.99
CA LYS B 96 28.16 3.36 -8.28
C LYS B 96 27.44 3.25 -9.61
N VAL B 97 27.81 2.25 -10.41
CA VAL B 97 27.19 2.03 -11.72
C VAL B 97 26.67 0.60 -11.82
N THR B 98 25.41 0.45 -12.23
CA THR B 98 24.79 -0.87 -12.42
C THR B 98 24.51 -1.09 -13.91
N LEU B 99 24.92 -2.25 -14.42
CA LEU B 99 24.73 -2.57 -15.84
C LEU B 99 23.87 -3.82 -15.98
N MET B 100 22.96 -3.82 -16.96
CA MET B 100 22.05 -4.95 -17.16
C MET B 100 21.78 -5.27 -18.63
N LEU B 101 21.51 -6.55 -18.89
CA LEU B 101 21.11 -7.04 -20.22
C LEU B 101 19.69 -7.51 -19.89
N LEU B 102 18.69 -6.83 -20.43
CA LEU B 102 17.31 -7.17 -20.12
C LEU B 102 16.70 -8.41 -20.76
N ASP B 103 16.08 -9.23 -19.92
CA ASP B 103 15.38 -10.43 -20.39
C ASP B 103 14.04 -9.91 -20.88
N GLN B 104 13.70 -10.22 -22.12
CA GLN B 104 12.43 -9.76 -22.66
C GLN B 104 11.25 -10.67 -22.32
N ASN B 105 11.39 -11.34 -21.17
CA ASN B 105 10.39 -12.23 -20.61
C ASN B 105 10.38 -11.93 -19.12
N ASN B 106 11.12 -10.88 -18.76
CA ASN B 106 11.26 -10.42 -17.38
C ASN B 106 11.48 -11.55 -16.37
N ARG B 107 12.11 -12.62 -16.84
CA ARG B 107 12.40 -13.77 -15.97
C ARG B 107 13.67 -13.52 -15.16
N GLU B 108 14.80 -13.38 -15.83
CA GLU B 108 16.07 -13.15 -15.14
C GLU B 108 17.04 -12.28 -15.92
N HIS B 109 17.13 -11.00 -15.55
CA HIS B 109 18.04 -10.07 -16.21
C HIS B 109 19.47 -10.40 -15.81
N VAL B 110 20.41 -10.08 -16.69
CA VAL B 110 21.83 -10.28 -16.37
C VAL B 110 22.20 -8.95 -15.70
N ILE B 111 22.76 -9.01 -14.50
CA ILE B 111 23.13 -7.79 -13.81
C ILE B 111 24.48 -7.83 -13.11
N ASP B 112 25.13 -6.68 -13.02
CA ASP B 112 26.41 -6.58 -12.34
C ASP B 112 26.53 -5.12 -11.93
N ALA B 113 27.44 -4.82 -11.00
CA ALA B 113 27.63 -3.45 -10.55
C ALA B 113 29.03 -3.26 -10.03
N PHE B 114 29.49 -2.02 -10.00
CA PHE B 114 30.82 -1.71 -9.52
C PHE B 114 30.89 -0.27 -9.03
N ARG B 115 31.94 -0.01 -8.24
CA ARG B 115 32.19 1.34 -7.76
C ARG B 115 33.49 1.72 -8.47
N PRO B 116 33.56 2.96 -8.97
CA PRO B 116 34.76 3.40 -9.67
C PRO B 116 36.07 3.21 -8.93
N ASP B 117 37.11 2.93 -9.70
CA ASP B 117 38.47 2.77 -9.17
C ASP B 117 39.04 4.19 -9.23
N VAL B 118 39.01 4.89 -8.10
CA VAL B 118 39.50 6.27 -8.03
C VAL B 118 40.91 6.54 -8.52
N THR B 119 41.74 5.51 -8.60
CA THR B 119 43.11 5.71 -9.07
C THR B 119 43.23 5.48 -10.56
N SER B 120 42.14 5.03 -11.17
CA SER B 120 42.13 4.75 -12.61
C SER B 120 41.90 5.99 -13.46
N SER B 121 42.59 6.04 -14.59
CA SER B 121 42.47 7.16 -15.52
C SER B 121 41.06 7.22 -16.11
N SER B 122 40.33 6.10 -16.04
CA SER B 122 38.98 6.07 -16.58
C SER B 122 37.99 6.98 -15.82
N PHE B 123 38.33 7.35 -14.59
CA PHE B 123 37.43 8.18 -13.82
C PHE B 123 37.91 9.57 -13.41
N GLN B 124 39.00 10.03 -14.02
CA GLN B 124 39.53 11.36 -13.73
C GLN B 124 38.79 12.35 -14.64
N ARG B 125 38.91 13.65 -14.36
CA ARG B 125 38.22 14.62 -15.22
C ARG B 125 38.79 14.47 -16.63
N PRO B 126 37.92 14.28 -17.63
CA PRO B 126 38.32 14.11 -19.02
C PRO B 126 39.14 15.26 -19.62
N VAL B 127 40.19 14.89 -20.36
CA VAL B 127 41.04 15.85 -21.05
C VAL B 127 40.71 15.67 -22.53
N ASN B 128 40.37 14.43 -22.89
CA ASN B 128 39.98 14.09 -24.26
C ASN B 128 38.45 14.03 -24.30
N ASP B 129 37.90 13.74 -25.48
CA ASP B 129 36.45 13.64 -25.63
C ASP B 129 35.88 12.54 -24.72
N MET B 130 36.63 11.45 -24.58
CA MET B 130 36.21 10.31 -23.75
C MET B 130 37.38 9.68 -23.03
N ASN B 131 37.15 9.19 -21.81
CA ASN B 131 38.19 8.51 -21.07
C ASN B 131 38.15 7.05 -21.52
N ILE B 132 39.15 6.27 -21.12
CA ILE B 132 39.19 4.86 -21.48
C ILE B 132 37.99 4.19 -20.80
N ALA B 133 37.28 3.35 -21.53
CA ALA B 133 36.11 2.67 -20.98
C ALA B 133 36.53 1.68 -19.90
N SER B 134 35.64 1.44 -18.94
CA SER B 134 35.92 0.52 -17.85
C SER B 134 34.63 -0.17 -17.44
N GLY B 135 34.71 -1.46 -17.12
CA GLY B 135 33.50 -2.16 -16.73
C GLY B 135 33.56 -3.66 -16.59
N CYS B 136 32.76 -4.36 -17.40
CA CYS B 136 32.64 -5.81 -17.32
C CYS B 136 33.03 -6.57 -18.59
N PRO B 137 34.30 -6.99 -18.70
CA PRO B 137 34.75 -7.74 -19.88
C PRO B 137 34.04 -9.10 -20.04
N LEU B 138 33.58 -9.67 -18.93
CA LEU B 138 32.90 -10.96 -18.95
C LEU B 138 31.44 -10.77 -18.50
N PHE B 139 30.77 -9.79 -19.07
CA PHE B 139 29.41 -9.49 -18.67
C PHE B 139 28.40 -10.61 -18.94
N CYS B 140 28.44 -11.20 -20.12
CA CYS B 140 27.51 -12.28 -20.45
C CYS B 140 28.08 -13.24 -21.48
N PRO B 141 28.06 -14.54 -21.19
CA PRO B 141 28.59 -15.51 -22.15
C PRO B 141 27.80 -15.41 -23.46
N VAL B 142 28.50 -15.46 -24.58
CA VAL B 142 27.85 -15.37 -25.88
C VAL B 142 26.74 -16.39 -26.05
N SER B 143 26.95 -17.59 -25.51
CA SER B 143 25.96 -18.66 -25.61
C SER B 143 24.67 -18.32 -24.88
N LYS B 144 24.80 -17.69 -23.72
CA LYS B 144 23.62 -17.32 -22.93
C LYS B 144 22.72 -16.40 -23.74
N MET B 145 23.26 -15.28 -24.19
CA MET B 145 22.45 -14.38 -25.01
C MET B 145 22.52 -14.97 -26.41
N GLU B 146 22.36 -14.14 -27.42
CA GLU B 146 22.41 -14.60 -28.81
C GLU B 146 21.64 -15.90 -28.97
N ALA B 147 22.38 -17.01 -29.02
CA ALA B 147 21.82 -18.36 -29.17
C ALA B 147 20.29 -18.37 -29.20
N LYS B 148 19.68 -18.60 -28.04
CA LYS B 148 18.22 -18.62 -27.93
C LYS B 148 17.83 -17.69 -26.80
N ASN B 149 17.37 -18.27 -25.69
CA ASN B 149 16.97 -17.49 -24.53
C ASN B 149 15.99 -16.38 -24.86
N SER B 150 15.78 -15.49 -23.90
CA SER B 150 14.83 -14.40 -24.07
C SER B 150 15.47 -13.03 -24.09
N TYR B 151 16.79 -12.96 -24.28
CA TYR B 151 17.46 -11.68 -24.33
C TYR B 151 17.34 -11.06 -25.71
N VAL B 152 17.40 -11.90 -26.75
CA VAL B 152 17.26 -11.44 -28.12
C VAL B 152 15.82 -11.73 -28.56
N ARG B 153 15.10 -10.69 -28.97
CA ARG B 153 13.71 -10.81 -29.39
C ARG B 153 13.54 -9.92 -30.62
N ASP B 154 12.93 -10.47 -31.67
CA ASP B 154 12.73 -9.72 -32.91
C ASP B 154 14.02 -9.01 -33.34
N ASP B 155 15.12 -9.71 -33.19
CA ASP B 155 16.44 -9.24 -33.59
C ASP B 155 16.88 -7.92 -32.93
N ALA B 156 16.66 -7.82 -31.63
CA ALA B 156 17.05 -6.63 -30.89
C ALA B 156 17.25 -6.99 -29.43
N ILE B 157 18.15 -6.26 -28.76
CA ILE B 157 18.39 -6.47 -27.34
C ILE B 157 18.33 -5.11 -26.65
N PHE B 158 18.14 -5.12 -25.34
CA PHE B 158 18.08 -3.89 -24.55
C PHE B 158 19.11 -3.95 -23.43
N ILE B 159 19.96 -2.93 -23.37
CA ILE B 159 20.99 -2.80 -22.34
C ILE B 159 20.50 -1.68 -21.41
N LYS B 160 20.64 -1.86 -20.10
CA LYS B 160 20.21 -0.82 -19.17
C LYS B 160 21.31 -0.41 -18.20
N ALA B 161 21.46 0.88 -17.99
CA ALA B 161 22.46 1.37 -17.05
C ALA B 161 21.80 2.24 -15.99
N ILE B 162 22.25 2.10 -14.74
CA ILE B 162 21.72 2.88 -13.63
C ILE B 162 22.88 3.45 -12.83
N VAL B 163 23.05 4.76 -12.88
CA VAL B 163 24.11 5.42 -12.14
C VAL B 163 23.53 5.94 -10.83
N ASP B 164 24.03 5.43 -9.71
CA ASP B 164 23.53 5.86 -8.41
C ASP B 164 23.83 7.35 -8.19
N LEU B 165 22.85 8.09 -7.69
CA LEU B 165 23.00 9.52 -7.50
C LEU B 165 23.31 9.99 -6.08
N THR B 166 23.71 9.06 -5.21
CA THR B 166 24.04 9.42 -3.84
C THR B 166 25.14 10.47 -3.81
N GLY B 167 24.90 11.56 -3.09
CA GLY B 167 25.90 12.62 -3.00
C GLY B 167 25.77 13.69 -4.05
N LEU B 168 24.87 13.50 -5.01
CA LEU B 168 24.69 14.51 -6.05
C LEU B 168 23.31 15.13 -5.87
N ALA C 1 16.40 28.32 -43.79
CA ALA C 1 15.73 27.43 -42.80
C ALA C 1 16.72 26.45 -42.19
N MET C 2 17.76 26.08 -42.93
CA MET C 2 18.75 25.16 -42.41
C MET C 2 19.39 25.73 -41.16
N ALA C 3 19.72 27.01 -41.18
CA ALA C 3 20.32 27.66 -40.02
C ALA C 3 19.23 27.98 -39.01
N ASP C 4 18.02 28.21 -39.50
CA ASP C 4 16.89 28.52 -38.64
C ASP C 4 16.55 27.28 -37.80
N LEU C 5 16.67 26.12 -38.42
CA LEU C 5 16.38 24.87 -37.73
C LEU C 5 17.47 24.53 -36.71
N GLU C 6 18.71 24.92 -37.02
CA GLU C 6 19.83 24.68 -36.14
C GLU C 6 19.61 25.50 -34.87
N GLN C 7 19.05 26.70 -35.03
CA GLN C 7 18.79 27.58 -33.89
C GLN C 7 17.73 26.97 -32.97
N LYS C 8 16.75 26.29 -33.56
CA LYS C 8 15.69 25.67 -32.77
C LYS C 8 16.26 24.51 -31.96
N VAL C 9 17.12 23.72 -32.60
CA VAL C 9 17.74 22.59 -31.94
C VAL C 9 18.60 23.05 -30.76
N LEU C 10 19.34 24.13 -30.98
CA LEU C 10 20.22 24.69 -29.96
C LEU C 10 19.41 25.18 -28.76
N GLU C 11 18.29 25.84 -29.04
CA GLU C 11 17.42 26.35 -27.98
C GLU C 11 16.86 25.19 -27.16
N MET C 12 16.36 24.18 -27.86
CA MET C 12 15.78 22.99 -27.22
C MET C 12 16.82 22.31 -26.34
N GLU C 13 18.05 22.27 -26.83
CA GLU C 13 19.15 21.65 -26.14
C GLU C 13 19.42 22.32 -24.79
N ALA C 14 19.20 23.63 -24.70
CA ALA C 14 19.45 24.37 -23.46
C ALA C 14 18.25 24.54 -22.54
N SER C 15 17.04 24.33 -23.05
CA SER C 15 15.85 24.51 -22.20
C SER C 15 15.74 23.59 -20.99
N THR C 16 15.18 24.13 -19.91
CA THR C 16 14.94 23.38 -18.69
C THR C 16 13.50 23.71 -18.29
N TYR C 17 12.85 22.82 -17.56
CA TYR C 17 11.46 23.04 -17.17
C TYR C 17 11.15 22.94 -15.67
N ASP C 18 12.14 23.24 -14.83
CA ASP C 18 11.92 23.17 -13.40
C ASP C 18 12.30 24.48 -12.68
N GLY C 19 12.42 25.55 -13.45
CA GLY C 19 12.77 26.84 -12.87
C GLY C 19 14.23 27.06 -12.55
N VAL C 20 15.08 26.06 -12.79
CA VAL C 20 16.51 26.19 -12.52
C VAL C 20 17.27 26.21 -13.82
N PHE C 21 18.18 27.17 -13.96
CA PHE C 21 18.97 27.31 -15.18
C PHE C 21 20.43 27.65 -14.88
N ILE C 22 21.35 26.97 -15.56
CA ILE C 22 22.77 27.27 -15.40
C ILE C 22 23.27 27.65 -16.77
N TRP C 23 23.75 28.90 -16.85
CA TRP C 23 24.22 29.48 -18.09
C TRP C 23 25.74 29.58 -18.18
N LYS C 24 26.34 28.80 -19.07
CA LYS C 24 27.79 28.82 -19.24
C LYS C 24 28.18 29.80 -20.34
N ILE C 25 28.98 30.80 -20.00
CA ILE C 25 29.43 31.78 -20.99
C ILE C 25 30.92 31.55 -21.24
N SER C 26 31.24 30.98 -22.40
CA SER C 26 32.62 30.71 -22.80
C SER C 26 33.20 31.88 -23.58
N ASP C 27 34.49 31.81 -23.91
CA ASP C 27 35.16 32.89 -24.64
C ASP C 27 34.92 34.20 -23.89
N PHE C 28 35.00 34.12 -22.57
CA PHE C 28 34.75 35.26 -21.69
C PHE C 28 35.54 36.54 -21.99
N PRO C 29 36.86 36.40 -22.15
CA PRO C 29 37.72 37.54 -22.43
C PRO C 29 37.29 38.30 -23.67
N ARG C 30 37.03 37.57 -24.76
CA ARG C 30 36.60 38.19 -26.01
C ARG C 30 35.28 38.95 -25.85
N LYS C 31 34.28 38.29 -25.27
CA LYS C 31 32.96 38.90 -25.08
C LYS C 31 33.05 40.09 -24.13
N ARG C 32 33.90 39.96 -23.12
CA ARG C 32 34.10 41.00 -22.13
C ARG C 32 34.61 42.27 -22.85
N GLN C 33 35.54 42.08 -23.79
CA GLN C 33 36.11 43.18 -24.55
C GLN C 33 35.11 43.82 -25.50
N GLU C 34 34.27 43.00 -26.14
CA GLU C 34 33.26 43.52 -27.06
C GLU C 34 32.29 44.41 -26.27
N ALA C 35 32.15 44.13 -24.98
CA ALA C 35 31.27 44.92 -24.13
C ALA C 35 31.95 46.24 -23.77
N VAL C 36 33.22 46.16 -23.38
CA VAL C 36 34.00 47.35 -23.03
C VAL C 36 34.05 48.31 -24.22
N ALA C 37 34.24 47.75 -25.42
CA ALA C 37 34.31 48.54 -26.64
C ALA C 37 32.94 49.05 -27.09
N GLY C 38 31.87 48.51 -26.53
CA GLY C 38 30.54 48.95 -26.90
C GLY C 38 29.99 48.32 -28.16
N ARG C 39 30.73 47.37 -28.73
CA ARG C 39 30.29 46.69 -29.94
C ARG C 39 29.12 45.73 -29.62
N ILE C 40 29.21 45.02 -28.50
CA ILE C 40 28.15 44.11 -28.06
C ILE C 40 27.98 44.36 -26.57
N PRO C 41 27.11 45.30 -26.21
CA PRO C 41 26.84 45.68 -24.83
C PRO C 41 26.29 44.55 -23.95
N ALA C 42 25.30 43.82 -24.46
CA ALA C 42 24.67 42.77 -23.68
C ALA C 42 24.48 41.44 -24.40
N ILE C 43 24.16 40.41 -23.62
CA ILE C 43 23.94 39.08 -24.18
C ILE C 43 22.69 38.47 -23.55
N PHE C 44 21.85 37.84 -24.36
CA PHE C 44 20.66 37.16 -23.85
C PHE C 44 21.01 35.67 -23.72
N SER C 45 20.46 35.02 -22.70
CA SER C 45 20.70 33.59 -22.52
C SER C 45 19.57 32.84 -23.21
N PRO C 46 19.74 31.51 -23.36
CA PRO C 46 18.67 30.71 -23.98
C PRO C 46 17.47 30.75 -23.01
N ALA C 47 16.30 30.34 -23.48
CA ALA C 47 15.10 30.37 -22.64
C ALA C 47 14.93 29.12 -21.76
N PHE C 48 14.25 29.29 -20.63
CA PHE C 48 13.95 28.16 -19.74
C PHE C 48 12.54 28.41 -19.16
N TYR C 49 11.95 27.38 -18.55
CA TYR C 49 10.57 27.50 -18.05
C TYR C 49 10.33 27.08 -16.59
N THR C 50 9.22 27.50 -15.99
CA THR C 50 8.91 27.13 -14.60
C THR C 50 8.35 25.71 -14.50
N SER C 51 7.75 25.25 -15.60
CA SER C 51 7.19 23.91 -15.67
C SER C 51 7.05 23.58 -17.16
N ARG C 52 6.65 22.36 -17.47
CA ARG C 52 6.55 21.93 -18.85
C ARG C 52 5.74 22.90 -19.72
N TYR C 53 4.69 23.48 -19.14
CA TYR C 53 3.85 24.44 -19.88
C TYR C 53 3.71 25.73 -19.06
N GLY C 54 4.79 26.12 -18.40
CA GLY C 54 4.77 27.32 -17.57
C GLY C 54 5.32 28.58 -18.22
N TYR C 55 5.72 29.54 -17.39
CA TYR C 55 6.26 30.80 -17.90
C TYR C 55 7.57 30.59 -18.65
N LYS C 56 7.77 31.38 -19.70
CA LYS C 56 8.99 31.30 -20.50
C LYS C 56 9.83 32.50 -20.08
N MET C 57 11.10 32.24 -19.76
CA MET C 57 12.01 33.26 -19.25
C MET C 57 13.44 33.11 -19.80
N CYS C 58 14.25 34.16 -19.65
CA CYS C 58 15.66 34.11 -20.02
C CYS C 58 16.38 35.16 -19.18
N LEU C 59 17.69 35.26 -19.34
CA LEU C 59 18.45 36.25 -18.60
C LEU C 59 19.16 37.17 -19.60
N ARG C 60 19.59 38.34 -19.14
CA ARG C 60 20.34 39.25 -19.98
C ARG C 60 21.47 39.80 -19.14
N ILE C 61 22.69 39.75 -19.67
CA ILE C 61 23.84 40.22 -18.91
C ILE C 61 24.64 41.30 -19.66
N TYR C 62 25.15 42.27 -18.91
CA TYR C 62 26.01 43.32 -19.48
C TYR C 62 27.37 43.08 -18.83
N LEU C 63 28.32 42.55 -19.59
CA LEU C 63 29.63 42.25 -19.03
C LEU C 63 30.41 43.50 -18.58
N ASN C 64 30.00 44.67 -19.06
CA ASN C 64 30.67 45.90 -18.64
C ASN C 64 29.66 46.88 -18.04
N GLY C 65 28.53 46.33 -17.56
CA GLY C 65 27.51 47.13 -16.88
C GLY C 65 26.43 47.89 -17.60
N ASP C 66 25.34 48.14 -16.88
CA ASP C 66 24.19 48.89 -17.38
C ASP C 66 23.72 49.90 -16.34
N GLY C 67 23.35 51.09 -16.81
CA GLY C 67 22.87 52.12 -15.91
C GLY C 67 23.82 52.45 -14.77
N THR C 68 23.33 52.34 -13.54
CA THR C 68 24.14 52.63 -12.37
C THR C 68 25.40 51.78 -12.25
N GLY C 69 25.49 50.73 -13.05
CA GLY C 69 26.66 49.87 -13.00
C GLY C 69 27.56 49.97 -14.21
N ARG C 70 27.17 50.80 -15.18
CA ARG C 70 27.95 50.96 -16.41
C ARG C 70 29.43 51.23 -16.15
N GLY C 71 30.29 50.42 -16.78
CA GLY C 71 31.72 50.59 -16.62
C GLY C 71 32.33 50.16 -15.30
N THR C 72 31.51 49.78 -14.33
CA THR C 72 32.03 49.36 -13.04
C THR C 72 31.56 47.98 -12.56
N HIS C 73 30.43 47.51 -13.07
CA HIS C 73 29.91 46.22 -12.63
C HIS C 73 29.39 45.34 -13.74
N LEU C 74 29.22 44.07 -13.40
CA LEU C 74 28.63 43.12 -14.32
C LEU C 74 27.15 43.28 -13.95
N SER C 75 26.31 43.62 -14.92
CA SER C 75 24.88 43.80 -14.65
C SER C 75 24.12 42.57 -15.15
N LEU C 76 23.26 42.02 -14.29
CA LEU C 76 22.50 40.82 -14.64
C LEU C 76 21.01 41.03 -14.42
N PHE C 77 20.22 40.77 -15.46
CA PHE C 77 18.78 40.95 -15.41
C PHE C 77 17.98 39.69 -15.77
N PHE C 78 16.73 39.67 -15.32
CA PHE C 78 15.76 38.60 -15.54
C PHE C 78 14.79 39.10 -16.61
N VAL C 79 14.35 38.19 -17.47
CA VAL C 79 13.43 38.58 -18.53
C VAL C 79 12.23 37.64 -18.67
N VAL C 80 11.03 38.21 -18.65
CA VAL C 80 9.82 37.42 -18.85
C VAL C 80 9.56 37.46 -20.36
N MET C 81 9.49 36.29 -21.00
CA MET C 81 9.26 36.24 -22.44
C MET C 81 7.84 35.78 -22.76
N LYS C 82 7.39 36.04 -23.98
CA LYS C 82 6.06 35.61 -24.40
C LYS C 82 6.12 34.10 -24.58
N GLY C 83 5.39 33.37 -23.75
CA GLY C 83 5.39 31.92 -23.84
C GLY C 83 4.18 31.40 -24.58
N PRO C 84 4.22 30.17 -25.09
CA PRO C 84 3.13 29.55 -25.84
C PRO C 84 1.85 29.29 -25.02
N ASN C 85 1.99 29.24 -23.70
CA ASN C 85 0.85 28.95 -22.83
C ASN C 85 0.47 30.11 -21.89
N ASP C 86 0.92 31.33 -22.22
CA ASP C 86 0.62 32.51 -21.39
C ASP C 86 -0.86 32.69 -21.05
N ALA C 87 -1.74 32.28 -21.95
CA ALA C 87 -3.18 32.43 -21.70
C ALA C 87 -3.65 31.59 -20.52
N LEU C 88 -2.88 30.56 -20.18
CA LEU C 88 -3.26 29.67 -19.08
C LEU C 88 -2.61 30.07 -17.75
N LEU C 89 -1.71 31.04 -17.79
CA LEU C 89 -0.99 31.47 -16.60
C LEU C 89 -1.56 32.70 -15.89
N ARG C 90 -1.21 32.82 -14.61
CA ARG C 90 -1.65 33.95 -13.80
C ARG C 90 -0.70 35.12 -14.02
N TRP C 91 -1.27 36.31 -14.19
CA TRP C 91 -0.47 37.50 -14.38
C TRP C 91 -0.92 38.58 -13.39
N PRO C 92 0.01 39.46 -12.97
CA PRO C 92 1.42 39.50 -13.36
C PRO C 92 2.28 38.38 -12.76
N PHE C 93 3.43 38.16 -13.36
CA PHE C 93 4.41 37.17 -12.90
C PHE C 93 4.76 37.58 -11.48
N ASN C 94 4.68 36.65 -10.53
CA ASN C 94 4.98 37.01 -9.15
C ASN C 94 5.77 35.94 -8.40
N GLN C 95 6.81 35.39 -9.04
CA GLN C 95 7.65 34.38 -8.41
C GLN C 95 8.96 35.01 -7.99
N LYS C 96 9.47 34.60 -6.84
CA LYS C 96 10.76 35.11 -6.36
C LYS C 96 11.83 34.60 -7.32
N VAL C 97 12.83 35.43 -7.61
CA VAL C 97 13.93 35.06 -8.50
C VAL C 97 15.28 35.22 -7.80
N THR C 98 16.10 34.17 -7.87
CA THR C 98 17.44 34.18 -7.28
C THR C 98 18.48 34.12 -8.43
N LEU C 99 19.46 35.01 -8.39
CA LEU C 99 20.51 35.07 -9.42
C LEU C 99 21.89 34.87 -8.80
N MET C 100 22.74 34.10 -9.47
CA MET C 100 24.08 33.81 -8.94
C MET C 100 25.21 33.74 -9.97
N LEU C 101 26.41 34.13 -9.55
CA LEU C 101 27.61 34.02 -10.36
C LEU C 101 28.35 32.96 -9.53
N LEU C 102 28.56 31.79 -10.14
CA LEU C 102 29.20 30.70 -9.41
C LEU C 102 30.71 30.77 -9.28
N ASP C 103 31.18 30.53 -8.06
CA ASP C 103 32.60 30.50 -7.77
C ASP C 103 33.02 29.07 -8.14
N GLN C 104 33.96 28.96 -9.07
CA GLN C 104 34.40 27.64 -9.50
C GLN C 104 35.32 26.91 -8.51
N ASN C 105 35.28 27.38 -7.27
CA ASN C 105 36.02 26.75 -6.17
C ASN C 105 35.02 26.55 -5.04
N ASN C 106 33.73 26.72 -5.36
CA ASN C 106 32.64 26.57 -4.41
C ASN C 106 32.87 27.25 -3.07
N ARG C 107 33.76 28.24 -3.06
CA ARG C 107 34.07 28.96 -1.83
C ARG C 107 33.01 29.99 -1.52
N GLU C 108 32.83 30.96 -2.41
CA GLU C 108 31.86 32.03 -2.19
C GLU C 108 31.17 32.51 -3.46
N HIS C 109 29.94 32.06 -3.67
CA HIS C 109 29.18 32.45 -4.84
C HIS C 109 28.61 33.86 -4.65
N VAL C 110 28.45 34.60 -5.74
CA VAL C 110 27.85 35.93 -5.67
C VAL C 110 26.35 35.64 -5.81
N ILE C 111 25.55 36.19 -4.90
CA ILE C 111 24.12 35.91 -4.95
C ILE C 111 23.23 37.10 -4.59
N ASP C 112 22.06 37.17 -5.24
CA ASP C 112 21.10 38.22 -4.94
C ASP C 112 19.75 37.62 -5.32
N ALA C 113 18.68 38.17 -4.76
CA ALA C 113 17.34 37.66 -5.04
C ALA C 113 16.34 38.78 -4.90
N PHE C 114 15.20 38.65 -5.57
CA PHE C 114 14.19 39.70 -5.51
C PHE C 114 12.80 39.16 -5.80
N ARG C 115 11.79 39.89 -5.31
CA ARG C 115 10.42 39.52 -5.60
C ARG C 115 10.02 40.52 -6.66
N PRO C 116 9.28 40.07 -7.68
CA PRO C 116 8.84 40.97 -8.75
C PRO C 116 8.09 42.20 -8.28
N ASP C 117 8.28 43.30 -9.01
CA ASP C 117 7.58 44.55 -8.74
C ASP C 117 6.30 44.43 -9.58
N VAL C 118 5.25 43.95 -8.93
CA VAL C 118 3.94 43.73 -9.56
C VAL C 118 3.39 44.88 -10.40
N THR C 119 3.76 46.11 -10.07
CA THR C 119 3.27 47.27 -10.82
C THR C 119 4.16 47.60 -12.01
N SER C 120 5.24 46.83 -12.17
CA SER C 120 6.18 47.07 -13.25
C SER C 120 5.82 46.41 -14.57
N SER C 121 6.13 47.12 -15.64
CA SER C 121 5.90 46.65 -17.00
C SER C 121 6.63 45.34 -17.26
N SER C 122 7.74 45.14 -16.55
CA SER C 122 8.55 43.94 -16.72
C SER C 122 7.85 42.63 -16.37
N PHE C 123 6.82 42.69 -15.53
CA PHE C 123 6.15 41.46 -15.12
C PHE C 123 4.70 41.27 -15.55
N GLN C 124 4.23 42.09 -16.48
CA GLN C 124 2.86 41.96 -16.97
C GLN C 124 2.89 40.92 -18.10
N ARG C 125 1.74 40.40 -18.49
CA ARG C 125 1.73 39.43 -19.58
C ARG C 125 2.37 40.07 -20.80
N PRO C 126 3.34 39.39 -21.42
CA PRO C 126 4.04 39.91 -22.59
C PRO C 126 3.17 40.19 -23.82
N VAL C 127 3.36 41.37 -24.39
CA VAL C 127 2.65 41.77 -25.61
C VAL C 127 3.66 41.62 -26.75
N ASN C 128 4.93 41.84 -26.42
CA ASN C 128 6.03 41.72 -27.38
C ASN C 128 6.76 40.40 -27.10
N ASP C 129 7.78 40.09 -27.89
CA ASP C 129 8.53 38.85 -27.72
C ASP C 129 9.15 38.79 -26.31
N MET C 130 9.55 39.94 -25.78
CA MET C 130 10.13 40.01 -24.44
C MET C 130 9.73 41.31 -23.73
N ASN C 131 9.62 41.26 -22.41
CA ASN C 131 9.33 42.46 -21.65
C ASN C 131 10.69 43.10 -21.35
N ILE C 132 10.67 44.31 -20.80
CA ILE C 132 11.90 44.99 -20.44
C ILE C 132 12.55 44.19 -19.31
N ALA C 133 13.85 43.95 -19.41
CA ALA C 133 14.59 43.19 -18.39
C ALA C 133 14.64 43.95 -17.07
N SER C 134 14.62 43.21 -15.98
CA SER C 134 14.67 43.81 -14.66
C SER C 134 15.52 42.94 -13.74
N GLY C 135 16.28 43.57 -12.85
CA GLY C 135 17.11 42.79 -11.96
C GLY C 135 18.17 43.52 -11.17
N CYS C 136 19.43 43.15 -11.40
CA CYS C 136 20.53 43.69 -10.63
C CYS C 136 21.62 44.45 -11.40
N PRO C 137 21.52 45.78 -11.44
CA PRO C 137 22.48 46.65 -12.13
C PRO C 137 23.89 46.57 -11.52
N LEU C 138 23.94 46.36 -10.21
CA LEU C 138 25.21 46.27 -9.48
C LEU C 138 25.43 44.86 -8.94
N PHE C 139 25.17 43.86 -9.78
CA PHE C 139 25.31 42.47 -9.36
C PHE C 139 26.71 42.10 -8.87
N CYS C 140 27.74 42.48 -9.62
CA CYS C 140 29.10 42.14 -9.23
C CYS C 140 30.14 43.11 -9.79
N PRO C 141 31.03 43.64 -8.94
CA PRO C 141 32.04 44.57 -9.40
C PRO C 141 32.95 43.88 -10.42
N VAL C 142 33.32 44.59 -11.48
CA VAL C 142 34.18 44.03 -12.50
C VAL C 142 35.48 43.48 -11.91
N SER C 143 35.98 44.13 -10.87
CA SER C 143 37.22 43.71 -10.22
C SER C 143 37.03 42.37 -9.52
N LYS C 144 35.87 42.19 -8.90
CA LYS C 144 35.52 40.97 -8.17
C LYS C 144 35.79 39.78 -9.08
N MET C 145 34.97 39.63 -10.11
CA MET C 145 35.16 38.54 -11.06
C MET C 145 36.20 39.02 -12.07
N GLU C 146 36.16 38.49 -13.29
CA GLU C 146 37.11 38.88 -14.32
C GLU C 146 38.55 38.84 -13.82
N ALA C 147 39.03 39.97 -13.29
CA ALA C 147 40.39 40.10 -12.78
C ALA C 147 41.07 38.76 -12.49
N LYS C 148 40.97 38.31 -11.26
CA LYS C 148 41.55 37.03 -10.87
C LYS C 148 40.41 36.24 -10.27
N ASN C 149 40.52 35.95 -8.97
CA ASN C 149 39.49 35.20 -8.27
C ASN C 149 39.23 33.88 -8.97
N SER C 150 38.17 33.21 -8.55
CA SER C 150 37.83 31.93 -9.14
C SER C 150 36.47 31.88 -9.82
N TYR C 151 36.02 33.02 -10.33
CA TYR C 151 34.75 33.08 -11.04
C TYR C 151 35.02 32.78 -12.51
N VAL C 152 36.16 33.25 -13.00
CA VAL C 152 36.55 33.00 -14.38
C VAL C 152 37.61 31.90 -14.36
N ARG C 153 37.35 30.80 -15.06
CA ARG C 153 38.30 29.70 -15.11
C ARG C 153 38.25 29.11 -16.51
N ASP C 154 39.43 28.95 -17.12
CA ASP C 154 39.54 28.42 -18.47
C ASP C 154 38.70 29.27 -19.41
N ASP C 155 38.73 30.58 -19.17
CA ASP C 155 38.03 31.57 -19.98
C ASP C 155 36.52 31.36 -20.08
N ALA C 156 35.89 30.99 -18.97
CA ALA C 156 34.44 30.79 -18.94
C ALA C 156 33.89 31.07 -17.55
N ILE C 157 32.63 31.49 -17.47
CA ILE C 157 31.98 31.74 -16.19
C ILE C 157 30.63 31.04 -16.22
N PHE C 158 30.03 30.83 -15.05
CA PHE C 158 28.73 30.19 -14.96
C PHE C 158 27.77 31.05 -14.16
N ILE C 159 26.63 31.35 -14.77
CA ILE C 159 25.58 32.13 -14.13
C ILE C 159 24.45 31.17 -13.79
N LYS C 160 23.88 31.27 -12.60
CA LYS C 160 22.78 30.38 -12.24
C LYS C 160 21.54 31.16 -11.79
N ALA C 161 20.37 30.69 -12.22
CA ALA C 161 19.11 31.32 -11.83
C ALA C 161 18.16 30.29 -11.24
N ILE C 162 17.48 30.67 -10.16
CA ILE C 162 16.51 29.79 -9.51
C ILE C 162 15.19 30.54 -9.34
N VAL C 163 14.15 30.07 -10.01
CA VAL C 163 12.85 30.70 -9.92
C VAL C 163 12.00 29.90 -8.93
N ASP C 164 11.62 30.53 -7.82
CA ASP C 164 10.82 29.85 -6.81
C ASP C 164 9.46 29.46 -7.38
N LEU C 165 9.04 28.22 -7.11
CA LEU C 165 7.79 27.72 -7.65
C LEU C 165 6.60 27.73 -6.68
N THR C 166 6.76 28.39 -5.54
CA THR C 166 5.67 28.47 -4.55
C THR C 166 4.41 29.00 -5.22
N GLY C 167 3.35 28.19 -5.22
CA GLY C 167 2.10 28.62 -5.82
C GLY C 167 1.83 28.04 -7.20
N LEU C 168 2.84 27.41 -7.80
CA LEU C 168 2.67 26.83 -9.12
C LEU C 168 2.61 25.29 -9.03
N ALA D 1 -11.24 -19.96 -1.22
CA ALA D 1 -10.60 -19.88 0.13
C ALA D 1 -10.64 -18.45 0.68
N MET D 2 -10.40 -17.48 -0.21
CA MET D 2 -10.41 -16.07 0.19
C MET D 2 -11.74 -15.74 0.87
N ALA D 3 -12.82 -16.33 0.36
CA ALA D 3 -14.15 -16.10 0.91
C ALA D 3 -14.52 -17.27 1.83
N ASP D 4 -13.96 -18.43 1.55
CA ASP D 4 -14.22 -19.63 2.34
C ASP D 4 -13.75 -19.43 3.78
N LEU D 5 -12.62 -18.75 3.93
CA LEU D 5 -12.06 -18.47 5.25
C LEU D 5 -12.90 -17.39 5.92
N GLU D 6 -13.42 -16.46 5.13
CA GLU D 6 -14.24 -15.37 5.67
C GLU D 6 -15.46 -15.94 6.37
N GLN D 7 -15.99 -17.02 5.83
CA GLN D 7 -17.17 -17.68 6.39
C GLN D 7 -16.84 -18.34 7.73
N LYS D 8 -15.61 -18.83 7.87
CA LYS D 8 -15.18 -19.45 9.11
C LYS D 8 -15.00 -18.38 10.18
N VAL D 9 -14.47 -17.23 9.76
CA VAL D 9 -14.24 -16.12 10.67
C VAL D 9 -15.57 -15.61 11.21
N LEU D 10 -16.58 -15.54 10.33
CA LEU D 10 -17.90 -15.07 10.71
C LEU D 10 -18.57 -16.02 11.70
N GLU D 11 -18.40 -17.31 11.49
CA GLU D 11 -18.98 -18.30 12.38
C GLU D 11 -18.34 -18.15 13.77
N MET D 12 -17.02 -18.06 13.80
CA MET D 12 -16.30 -17.91 15.07
C MET D 12 -16.72 -16.64 15.80
N GLU D 13 -16.89 -15.58 15.02
CA GLU D 13 -17.28 -14.28 15.56
C GLU D 13 -18.64 -14.32 16.24
N ALA D 14 -19.51 -15.22 15.80
CA ALA D 14 -20.85 -15.33 16.37
C ALA D 14 -21.09 -16.47 17.35
N SER D 15 -20.17 -17.43 17.40
CA SER D 15 -20.33 -18.59 18.29
C SER D 15 -20.32 -18.29 19.78
N THR D 16 -21.15 -19.03 20.52
CA THR D 16 -21.22 -18.87 21.98
C THR D 16 -21.11 -20.29 22.55
N TYR D 17 -20.70 -20.42 23.80
CA TYR D 17 -20.55 -21.73 24.41
C TYR D 17 -21.23 -21.94 25.75
N ASP D 18 -22.35 -21.27 25.98
CA ASP D 18 -23.07 -21.43 27.23
C ASP D 18 -24.55 -21.74 27.02
N GLY D 19 -24.92 -22.09 25.80
CA GLY D 19 -26.29 -22.43 25.50
C GLY D 19 -27.23 -21.25 25.25
N VAL D 20 -26.69 -20.03 25.30
CA VAL D 20 -27.49 -18.83 25.07
C VAL D 20 -27.03 -18.13 23.79
N PHE D 21 -27.96 -17.85 22.89
CA PHE D 21 -27.64 -17.23 21.63
C PHE D 21 -28.63 -16.11 21.30
N ILE D 22 -28.11 -14.98 20.83
CA ILE D 22 -28.96 -13.86 20.45
C ILE D 22 -28.62 -13.58 19.00
N TRP D 23 -29.63 -13.71 18.15
CA TRP D 23 -29.49 -13.56 16.71
C TRP D 23 -30.08 -12.26 16.19
N LYS D 24 -29.22 -11.33 15.79
CA LYS D 24 -29.69 -10.06 15.27
C LYS D 24 -29.89 -10.16 13.76
N ILE D 25 -31.11 -9.90 13.30
CA ILE D 25 -31.41 -9.94 11.88
C ILE D 25 -31.62 -8.51 11.38
N SER D 26 -30.63 -7.99 10.66
CA SER D 26 -30.70 -6.64 10.12
C SER D 26 -31.37 -6.63 8.75
N ASP D 27 -31.58 -5.44 8.19
CA ASP D 27 -32.21 -5.33 6.88
C ASP D 27 -33.47 -6.19 6.87
N PHE D 28 -34.25 -6.08 7.94
CA PHE D 28 -35.47 -6.85 8.09
C PHE D 28 -36.43 -6.71 6.90
N PRO D 29 -36.84 -5.49 6.60
CA PRO D 29 -37.75 -5.23 5.49
C PRO D 29 -37.38 -5.97 4.22
N ARG D 30 -36.12 -5.85 3.81
CA ARG D 30 -35.63 -6.48 2.59
C ARG D 30 -35.71 -8.00 2.66
N LYS D 31 -35.21 -8.58 3.74
CA LYS D 31 -35.23 -10.04 3.90
C LYS D 31 -36.67 -10.52 4.02
N ARG D 32 -37.52 -9.67 4.60
CA ARG D 32 -38.92 -10.00 4.80
C ARG D 32 -39.64 -10.08 3.45
N GLN D 33 -39.24 -9.22 2.53
CA GLN D 33 -39.86 -9.19 1.21
C GLN D 33 -39.35 -10.35 0.36
N GLU D 34 -38.07 -10.67 0.49
CA GLU D 34 -37.47 -11.78 -0.25
C GLU D 34 -38.15 -13.09 0.13
N ALA D 35 -38.73 -13.14 1.33
CA ALA D 35 -39.41 -14.34 1.80
C ALA D 35 -40.84 -14.41 1.28
N VAL D 36 -41.50 -13.25 1.23
CA VAL D 36 -42.87 -13.17 0.74
C VAL D 36 -42.87 -13.46 -0.76
N ALA D 37 -41.76 -13.12 -1.42
CA ALA D 37 -41.63 -13.34 -2.86
C ALA D 37 -41.23 -14.78 -3.18
N GLY D 38 -40.91 -15.56 -2.16
CA GLY D 38 -40.54 -16.95 -2.37
C GLY D 38 -39.10 -17.15 -2.85
N ARG D 39 -38.37 -16.05 -3.01
CA ARG D 39 -36.98 -16.11 -3.46
C ARG D 39 -36.04 -16.67 -2.40
N ILE D 40 -36.25 -16.29 -1.14
CA ILE D 40 -35.44 -16.76 -0.03
C ILE D 40 -36.41 -16.99 1.12
N PRO D 41 -37.04 -18.17 1.17
CA PRO D 41 -38.01 -18.56 2.19
C PRO D 41 -37.48 -18.59 3.63
N ALA D 42 -36.29 -19.14 3.82
CA ALA D 42 -35.72 -19.25 5.15
C ALA D 42 -34.27 -18.78 5.25
N ILE D 43 -33.80 -18.64 6.49
CA ILE D 43 -32.44 -18.19 6.76
C ILE D 43 -31.92 -18.97 7.96
N PHE D 44 -30.66 -19.39 7.92
CA PHE D 44 -30.06 -20.09 9.06
C PHE D 44 -29.24 -19.09 9.87
N SER D 45 -29.12 -19.34 11.17
CA SER D 45 -28.34 -18.46 12.02
C SER D 45 -26.98 -19.12 12.20
N PRO D 46 -25.99 -18.36 12.71
CA PRO D 46 -24.68 -18.94 12.92
C PRO D 46 -24.85 -20.03 13.99
N ALA D 47 -23.83 -20.86 14.18
CA ALA D 47 -23.90 -21.94 15.17
C ALA D 47 -23.48 -21.53 16.58
N PHE D 48 -23.97 -22.26 17.57
CA PHE D 48 -23.61 -22.02 18.98
C PHE D 48 -23.58 -23.36 19.70
N TYR D 49 -23.03 -23.40 20.91
CA TYR D 49 -22.89 -24.66 21.63
C TYR D 49 -23.37 -24.61 23.08
N THR D 50 -23.58 -25.79 23.67
CA THR D 50 -24.02 -25.89 25.06
C THR D 50 -22.84 -25.74 26.01
N SER D 51 -21.66 -26.12 25.55
CA SER D 51 -20.43 -26.01 26.34
C SER D 51 -19.26 -25.98 25.38
N ARG D 52 -18.07 -25.68 25.89
CA ARG D 52 -16.89 -25.58 25.03
C ARG D 52 -16.77 -26.76 24.08
N TYR D 53 -17.08 -27.95 24.57
CA TYR D 53 -17.03 -29.15 23.74
C TYR D 53 -18.38 -29.86 23.79
N GLY D 54 -19.47 -29.09 23.70
CA GLY D 54 -20.79 -29.68 23.76
C GLY D 54 -21.47 -29.81 22.41
N TYR D 55 -22.81 -29.85 22.42
CA TYR D 55 -23.58 -29.98 21.20
C TYR D 55 -23.47 -28.73 20.33
N LYS D 56 -23.50 -28.92 19.01
CA LYS D 56 -23.45 -27.82 18.06
C LYS D 56 -24.89 -27.64 17.58
N MET D 57 -25.38 -26.40 17.56
CA MET D 57 -26.75 -26.10 17.18
C MET D 57 -26.86 -24.77 16.40
N CYS D 58 -28.00 -24.57 15.74
CA CYS D 58 -28.28 -23.31 15.05
C CYS D 58 -29.80 -23.17 14.90
N LEU D 59 -30.25 -22.03 14.38
CA LEU D 59 -31.68 -21.81 14.23
C LEU D 59 -32.04 -21.52 12.77
N ARG D 60 -33.27 -21.84 12.39
CA ARG D 60 -33.75 -21.57 11.03
C ARG D 60 -35.09 -20.86 11.13
N ILE D 61 -35.21 -19.74 10.43
CA ILE D 61 -36.44 -18.97 10.48
C ILE D 61 -37.07 -18.73 9.11
N TYR D 62 -38.39 -18.60 9.11
CA TYR D 62 -39.15 -18.33 7.89
C TYR D 62 -39.89 -17.02 8.18
N LEU D 63 -39.39 -15.91 7.66
CA LEU D 63 -40.02 -14.62 7.93
C LEU D 63 -41.46 -14.53 7.42
N ASN D 64 -41.87 -15.47 6.57
CA ASN D 64 -43.24 -15.45 6.06
C ASN D 64 -43.96 -16.78 6.30
N GLY D 65 -43.45 -17.58 7.22
CA GLY D 65 -44.09 -18.84 7.56
C GLY D 65 -43.74 -20.12 6.83
N ASP D 66 -43.91 -21.24 7.54
CA ASP D 66 -43.64 -22.57 7.01
C ASP D 66 -44.79 -23.51 7.38
N GLY D 67 -45.17 -24.37 6.43
CA GLY D 67 -46.25 -25.31 6.67
C GLY D 67 -47.50 -24.67 7.22
N THR D 68 -47.93 -25.12 8.40
CA THR D 68 -49.14 -24.60 9.04
C THR D 68 -49.13 -23.09 9.26
N GLY D 69 -47.95 -22.47 9.17
CA GLY D 69 -47.87 -21.05 9.38
C GLY D 69 -47.58 -20.23 8.13
N ARG D 70 -47.36 -20.91 7.01
CA ARG D 70 -47.06 -20.23 5.75
C ARG D 70 -47.98 -19.05 5.48
N GLY D 71 -47.39 -17.92 5.13
CA GLY D 71 -48.15 -16.73 4.83
C GLY D 71 -48.86 -16.04 5.97
N THR D 72 -48.94 -16.69 7.13
CA THR D 72 -49.63 -16.11 8.29
C THR D 72 -48.78 -15.90 9.55
N HIS D 73 -47.66 -16.59 9.65
CA HIS D 73 -46.81 -16.47 10.84
C HIS D 73 -45.32 -16.44 10.54
N LEU D 74 -44.57 -16.09 11.59
CA LEU D 74 -43.12 -16.09 11.54
C LEU D 74 -42.86 -17.51 12.06
N SER D 75 -42.12 -18.31 11.32
CA SER D 75 -41.84 -19.67 11.78
C SER D 75 -40.40 -19.75 12.24
N LEU D 76 -40.19 -20.34 13.42
CA LEU D 76 -38.84 -20.43 13.98
C LEU D 76 -38.55 -21.85 14.45
N PHE D 77 -37.47 -22.43 13.94
CA PHE D 77 -37.11 -23.79 14.30
C PHE D 77 -35.70 -23.93 14.89
N PHE D 78 -35.50 -25.03 15.60
CA PHE D 78 -34.23 -25.37 16.25
C PHE D 78 -33.55 -26.41 15.36
N VAL D 79 -32.22 -26.35 15.27
CA VAL D 79 -31.48 -27.31 14.46
C VAL D 79 -30.28 -27.92 15.19
N VAL D 80 -30.25 -29.25 15.25
CA VAL D 80 -29.12 -29.95 15.87
C VAL D 80 -28.15 -30.16 14.72
N MET D 81 -26.90 -29.74 14.91
CA MET D 81 -25.88 -29.89 13.87
C MET D 81 -24.86 -30.94 14.24
N LYS D 82 -24.14 -31.45 13.24
CA LYS D 82 -23.10 -32.44 13.49
C LYS D 82 -21.93 -31.72 14.15
N GLY D 83 -21.70 -32.00 15.43
CA GLY D 83 -20.60 -31.35 16.14
C GLY D 83 -19.32 -32.14 16.16
N PRO D 84 -18.16 -31.49 16.35
CA PRO D 84 -16.86 -32.17 16.38
C PRO D 84 -16.69 -33.14 17.55
N ASN D 85 -17.48 -32.96 18.60
CA ASN D 85 -17.37 -33.81 19.78
C ASN D 85 -18.58 -34.70 20.01
N ASP D 86 -19.43 -34.85 19.00
CA ASP D 86 -20.64 -35.68 19.13
C ASP D 86 -20.42 -37.06 19.73
N ALA D 87 -19.28 -37.67 19.44
CA ALA D 87 -18.98 -39.01 19.95
C ALA D 87 -18.92 -39.04 21.46
N LEU D 88 -18.66 -37.89 22.06
CA LEU D 88 -18.56 -37.80 23.52
C LEU D 88 -19.87 -37.37 24.17
N LEU D 89 -20.89 -37.14 23.37
CA LEU D 89 -22.19 -36.69 23.88
C LEU D 89 -23.27 -37.76 23.91
N ARG D 90 -24.24 -37.58 24.80
CA ARG D 90 -25.34 -38.52 24.93
C ARG D 90 -26.41 -38.19 23.90
N TRP D 91 -26.96 -39.23 23.27
CA TRP D 91 -28.00 -39.06 22.26
C TRP D 91 -29.19 -39.97 22.60
N PRO D 92 -30.40 -39.58 22.16
CA PRO D 92 -30.71 -38.35 21.40
C PRO D 92 -30.59 -37.09 22.26
N PHE D 93 -30.56 -35.94 21.58
CA PHE D 93 -30.48 -34.64 22.24
C PHE D 93 -31.75 -34.52 23.10
N ASN D 94 -31.60 -34.19 24.37
CA ASN D 94 -32.77 -34.11 25.24
C ASN D 94 -32.76 -32.92 26.20
N GLN D 95 -32.40 -31.74 25.69
CA GLN D 95 -32.37 -30.53 26.51
C GLN D 95 -33.56 -29.66 26.12
N LYS D 96 -34.15 -28.99 27.09
CA LYS D 96 -35.28 -28.11 26.81
C LYS D 96 -34.78 -26.88 26.05
N VAL D 97 -35.55 -26.46 25.05
CA VAL D 97 -35.17 -25.29 24.24
C VAL D 97 -36.23 -24.18 24.33
N THR D 98 -35.78 -22.98 24.73
CA THR D 98 -36.66 -21.81 24.85
C THR D 98 -36.35 -20.85 23.70
N LEU D 99 -37.39 -20.41 23.00
CA LEU D 99 -37.23 -19.49 21.87
C LEU D 99 -37.95 -18.16 22.13
N MET D 100 -37.30 -17.05 21.80
CA MET D 100 -37.90 -15.74 22.02
C MET D 100 -37.70 -14.71 20.90
N LEU D 101 -38.68 -13.85 20.74
CA LEU D 101 -38.62 -12.73 19.79
C LEU D 101 -38.64 -11.56 20.78
N LEU D 102 -37.50 -10.89 20.92
CA LEU D 102 -37.39 -9.80 21.88
C LEU D 102 -38.06 -8.48 21.54
N ASP D 103 -38.85 -7.99 22.49
CA ASP D 103 -39.51 -6.71 22.34
C ASP D 103 -38.45 -5.67 22.67
N GLN D 104 -38.19 -4.75 21.75
CA GLN D 104 -37.16 -3.74 22.00
C GLN D 104 -37.56 -2.61 22.93
N ASN D 105 -38.67 -2.83 23.65
CA ASN D 105 -39.16 -1.88 24.65
C ASN D 105 -39.31 -2.67 25.95
N ASN D 106 -38.76 -3.88 25.97
CA ASN D 106 -38.82 -4.77 27.12
C ASN D 106 -40.19 -4.87 27.76
N ARG D 107 -41.23 -4.66 26.97
CA ARG D 107 -42.59 -4.74 27.50
C ARG D 107 -43.11 -6.18 27.51
N GLU D 108 -43.21 -6.79 26.33
CA GLU D 108 -43.72 -8.16 26.23
C GLU D 108 -43.03 -8.98 25.15
N HIS D 109 -42.10 -9.83 25.56
CA HIS D 109 -41.38 -10.69 24.62
C HIS D 109 -42.26 -11.86 24.19
N VAL D 110 -42.07 -12.32 22.96
CA VAL D 110 -42.81 -13.48 22.49
C VAL D 110 -41.93 -14.64 22.97
N ILE D 111 -42.52 -15.60 23.67
CA ILE D 111 -41.72 -16.72 24.18
C ILE D 111 -42.45 -18.06 24.10
N ASP D 112 -41.71 -19.11 23.76
CA ASP D 112 -42.26 -20.45 23.69
C ASP D 112 -41.12 -21.40 24.03
N ALA D 113 -41.44 -22.67 24.28
CA ALA D 113 -40.41 -23.63 24.64
C ALA D 113 -40.89 -25.06 24.45
N PHE D 114 -39.95 -25.98 24.28
CA PHE D 114 -40.33 -27.37 24.08
C PHE D 114 -39.28 -28.36 24.55
N ARG D 115 -39.73 -29.58 24.80
CA ARG D 115 -38.85 -30.68 25.20
C ARG D 115 -38.66 -31.44 23.89
N PRO D 116 -37.41 -31.83 23.59
CA PRO D 116 -37.20 -32.56 22.34
C PRO D 116 -38.05 -33.82 22.23
N ASP D 117 -38.44 -34.14 21.00
CA ASP D 117 -39.23 -35.34 20.72
C ASP D 117 -38.20 -36.44 20.47
N VAL D 118 -37.85 -37.15 21.53
CA VAL D 118 -36.87 -38.23 21.50
C VAL D 118 -36.94 -39.20 20.34
N THR D 119 -38.15 -39.44 19.83
CA THR D 119 -38.33 -40.38 18.73
C THR D 119 -38.20 -39.74 17.36
N SER D 120 -37.99 -38.43 17.33
CA SER D 120 -37.85 -37.70 16.07
C SER D 120 -36.44 -37.76 15.52
N SER D 121 -36.33 -37.80 14.20
CA SER D 121 -35.03 -37.84 13.54
C SER D 121 -34.30 -36.51 13.80
N SER D 122 -35.06 -35.48 14.16
CA SER D 122 -34.48 -34.17 14.42
C SER D 122 -33.55 -34.14 15.63
N PHE D 123 -33.66 -35.13 16.52
CA PHE D 123 -32.82 -35.14 17.70
C PHE D 123 -31.90 -36.33 17.88
N GLN D 124 -31.64 -37.05 16.79
CA GLN D 124 -30.75 -38.21 16.84
C GLN D 124 -29.35 -37.70 16.48
N ARG D 125 -28.31 -38.45 16.82
CA ARG D 125 -26.96 -38.01 16.48
C ARG D 125 -26.91 -37.79 14.98
N PRO D 126 -26.49 -36.59 14.56
CA PRO D 126 -26.39 -36.20 13.15
C PRO D 126 -25.51 -37.07 12.25
N VAL D 127 -26.07 -37.46 11.11
CA VAL D 127 -25.35 -38.26 10.12
C VAL D 127 -24.93 -37.25 9.05
N ASN D 128 -25.83 -36.34 8.75
CA ASN D 128 -25.59 -35.30 7.77
C ASN D 128 -25.03 -34.07 8.49
N ASP D 129 -24.83 -32.99 7.75
CA ASP D 129 -24.29 -31.76 8.31
C ASP D 129 -25.29 -31.20 9.34
N MET D 130 -26.58 -31.35 9.07
CA MET D 130 -27.65 -30.87 9.94
C MET D 130 -28.85 -31.81 9.91
N ASN D 131 -29.56 -31.90 11.02
CA ASN D 131 -30.77 -32.72 11.05
C ASN D 131 -31.89 -31.83 10.56
N ILE D 132 -33.08 -32.41 10.38
CA ILE D 132 -34.22 -31.63 9.95
C ILE D 132 -34.57 -30.68 11.10
N ALA D 133 -34.90 -29.44 10.77
CA ALA D 133 -35.25 -28.44 11.77
C ALA D 133 -36.61 -28.73 12.39
N SER D 134 -36.73 -28.48 13.68
CA SER D 134 -37.98 -28.71 14.39
C SER D 134 -38.20 -27.55 15.35
N GLY D 135 -39.46 -27.19 15.60
CA GLY D 135 -39.72 -26.08 16.50
C GLY D 135 -41.13 -25.52 16.52
N CYS D 136 -41.26 -24.26 16.15
CA CYS D 136 -42.55 -23.58 16.20
C CYS D 136 -43.03 -22.96 14.89
N PRO D 137 -43.82 -23.72 14.11
CA PRO D 137 -44.34 -23.19 12.83
C PRO D 137 -45.23 -21.97 13.05
N LEU D 138 -45.87 -21.88 14.21
CA LEU D 138 -46.76 -20.76 14.54
C LEU D 138 -46.19 -19.97 15.72
N PHE D 139 -44.93 -19.53 15.61
CA PHE D 139 -44.27 -18.80 16.68
C PHE D 139 -44.86 -17.42 16.94
N CYS D 140 -45.00 -16.63 15.87
CA CYS D 140 -45.53 -15.28 16.00
C CYS D 140 -46.26 -14.81 14.73
N PRO D 141 -47.53 -14.39 14.87
CA PRO D 141 -48.28 -13.91 13.71
C PRO D 141 -47.62 -12.72 13.05
N VAL D 142 -47.62 -12.73 11.72
CA VAL D 142 -47.00 -11.66 10.94
C VAL D 142 -47.45 -10.25 11.33
N SER D 143 -48.71 -10.12 11.73
CA SER D 143 -49.23 -8.83 12.10
C SER D 143 -48.62 -8.30 13.40
N LYS D 144 -48.41 -9.19 14.37
CA LYS D 144 -47.85 -8.79 15.65
C LYS D 144 -46.50 -8.11 15.43
N MET D 145 -45.54 -8.83 14.86
CA MET D 145 -44.25 -8.24 14.60
C MET D 145 -44.39 -7.50 13.28
N GLU D 146 -43.30 -7.38 12.53
CA GLU D 146 -43.34 -6.69 11.24
C GLU D 146 -44.11 -5.36 11.29
N ALA D 147 -45.42 -5.43 11.11
CA ALA D 147 -46.32 -4.27 11.11
C ALA D 147 -45.76 -3.07 11.89
N LYS D 148 -46.14 -2.98 13.15
CA LYS D 148 -45.67 -1.90 14.01
C LYS D 148 -45.02 -2.54 15.23
N ASN D 149 -45.61 -2.31 16.39
CA ASN D 149 -45.09 -2.87 17.63
C ASN D 149 -43.64 -2.46 17.87
N SER D 150 -43.04 -3.05 18.89
CA SER D 150 -41.67 -2.74 19.27
C SER D 150 -40.68 -3.86 18.99
N TYR D 151 -41.06 -4.83 18.16
CA TYR D 151 -40.15 -5.93 17.84
C TYR D 151 -39.18 -5.50 16.77
N VAL D 152 -39.69 -4.78 15.77
CA VAL D 152 -38.86 -4.29 14.69
C VAL D 152 -38.51 -2.84 14.98
N ARG D 153 -37.23 -2.55 15.07
CA ARG D 153 -36.79 -1.18 15.33
C ARG D 153 -35.53 -0.93 14.52
N ASP D 154 -35.49 0.22 13.86
CA ASP D 154 -34.37 0.57 13.01
C ASP D 154 -34.07 -0.56 12.03
N ASP D 155 -35.17 -1.16 11.55
CA ASP D 155 -35.14 -2.23 10.56
C ASP D 155 -34.33 -3.46 10.98
N ALA D 156 -34.55 -3.92 12.21
CA ALA D 156 -33.85 -5.09 12.73
C ALA D 156 -34.60 -5.73 13.89
N ILE D 157 -34.50 -7.04 14.01
CA ILE D 157 -35.15 -7.76 15.11
C ILE D 157 -34.11 -8.66 15.79
N PHE D 158 -34.39 -9.04 17.03
CA PHE D 158 -33.51 -9.93 17.77
C PHE D 158 -34.22 -11.20 18.20
N ILE D 159 -33.63 -12.34 17.89
CA ILE D 159 -34.17 -13.64 18.25
C ILE D 159 -33.25 -14.20 19.33
N LYS D 160 -33.82 -14.78 20.38
CA LYS D 160 -32.99 -15.33 21.44
C LYS D 160 -33.34 -16.78 21.73
N ALA D 161 -32.32 -17.60 21.90
CA ALA D 161 -32.51 -19.01 22.20
C ALA D 161 -31.76 -19.37 23.47
N ILE D 162 -32.40 -20.13 24.34
CA ILE D 162 -31.78 -20.56 25.59
C ILE D 162 -31.93 -22.07 25.71
N VAL D 163 -30.82 -22.78 25.72
CA VAL D 163 -30.85 -24.23 25.84
C VAL D 163 -30.56 -24.59 27.29
N ASP D 164 -31.51 -25.23 27.95
CA ASP D 164 -31.33 -25.61 29.34
C ASP D 164 -30.16 -26.59 29.42
N LEU D 165 -29.30 -26.39 30.43
CA LEU D 165 -28.13 -27.23 30.57
C LEU D 165 -28.25 -28.29 31.67
N THR D 166 -29.47 -28.55 32.13
CA THR D 166 -29.65 -29.55 33.17
C THR D 166 -29.14 -30.90 32.65
N GLY D 167 -28.27 -31.54 33.43
CA GLY D 167 -27.74 -32.83 33.02
C GLY D 167 -26.41 -32.80 32.30
N LEU D 168 -25.95 -31.61 31.91
CA LEU D 168 -24.68 -31.51 31.19
C LEU D 168 -23.61 -30.93 32.12
N ALA E 1 0.72 -15.35 3.54
CA ALA E 1 -0.29 -14.77 4.47
C ALA E 1 -1.67 -15.37 4.23
N MET E 2 -1.91 -15.81 2.99
CA MET E 2 -3.18 -16.42 2.61
C MET E 2 -3.48 -17.58 3.55
N ALA E 3 -2.55 -18.51 3.65
CA ALA E 3 -2.70 -19.68 4.51
C ALA E 3 -2.20 -19.36 5.91
N ASP E 4 -1.29 -18.39 6.01
CA ASP E 4 -0.75 -17.99 7.30
C ASP E 4 -1.86 -17.51 8.22
N LEU E 5 -2.86 -16.87 7.62
CA LEU E 5 -4.00 -16.34 8.37
C LEU E 5 -4.99 -17.47 8.66
N GLU E 6 -5.11 -18.41 7.74
CA GLU E 6 -6.01 -19.55 7.92
C GLU E 6 -5.55 -20.37 9.12
N GLN E 7 -4.24 -20.40 9.34
CA GLN E 7 -3.68 -21.15 10.46
C GLN E 7 -4.07 -20.46 11.77
N LYS E 8 -4.06 -19.13 11.75
CA LYS E 8 -4.41 -18.35 12.92
C LYS E 8 -5.84 -18.69 13.34
N VAL E 9 -6.72 -18.79 12.35
CA VAL E 9 -8.12 -19.09 12.61
C VAL E 9 -8.33 -20.46 13.27
N LEU E 10 -7.57 -21.47 12.85
CA LEU E 10 -7.72 -22.79 13.46
C LEU E 10 -7.22 -22.77 14.90
N GLU E 11 -6.11 -22.06 15.15
CA GLU E 11 -5.55 -21.98 16.49
C GLU E 11 -6.57 -21.36 17.43
N MET E 12 -7.05 -20.17 17.07
CA MET E 12 -8.03 -19.42 17.88
C MET E 12 -9.26 -20.27 18.12
N GLU E 13 -9.63 -21.03 17.10
CA GLU E 13 -10.79 -21.89 17.16
C GLU E 13 -10.65 -22.94 18.26
N ALA E 14 -9.43 -23.44 18.45
CA ALA E 14 -9.16 -24.47 19.44
C ALA E 14 -8.79 -23.99 20.85
N SER E 15 -8.39 -22.73 20.98
CA SER E 15 -7.96 -22.18 22.26
C SER E 15 -9.01 -22.15 23.39
N THR E 16 -8.57 -22.48 24.61
CA THR E 16 -9.44 -22.42 25.79
C THR E 16 -8.66 -21.60 26.81
N TYR E 17 -9.37 -20.99 27.76
CA TYR E 17 -8.69 -20.16 28.75
C TYR E 17 -9.02 -20.48 30.20
N ASP E 18 -9.30 -21.75 30.48
CA ASP E 18 -9.63 -22.15 31.84
C ASP E 18 -8.80 -23.34 32.30
N GLY E 19 -7.70 -23.59 31.60
CA GLY E 19 -6.82 -24.68 31.99
C GLY E 19 -7.31 -26.07 31.61
N VAL E 20 -8.47 -26.16 30.97
CA VAL E 20 -8.99 -27.45 30.55
C VAL E 20 -8.99 -27.50 29.04
N PHE E 21 -8.43 -28.57 28.48
CA PHE E 21 -8.31 -28.72 27.03
C PHE E 21 -8.60 -30.13 26.57
N ILE E 22 -9.43 -30.27 25.54
CA ILE E 22 -9.74 -31.57 24.96
C ILE E 22 -9.24 -31.54 23.52
N TRP E 23 -8.33 -32.46 23.22
CA TRP E 23 -7.70 -32.55 21.91
C TRP E 23 -8.18 -33.77 21.13
N LYS E 24 -8.90 -33.53 20.04
CA LYS E 24 -9.41 -34.61 19.20
C LYS E 24 -8.42 -34.83 18.08
N ILE E 25 -7.91 -36.05 17.99
CA ILE E 25 -6.95 -36.39 16.95
C ILE E 25 -7.66 -37.30 15.95
N SER E 26 -8.02 -36.72 14.80
CA SER E 26 -8.70 -37.46 13.74
C SER E 26 -7.69 -38.09 12.79
N ASP E 27 -8.16 -38.97 11.91
CA ASP E 27 -7.27 -39.67 10.97
C ASP E 27 -6.18 -40.38 11.74
N PHE E 28 -6.58 -40.97 12.86
CA PHE E 28 -5.66 -41.69 13.74
C PHE E 28 -4.80 -42.73 13.04
N PRO E 29 -5.43 -43.63 12.30
CA PRO E 29 -4.69 -44.69 11.60
C PRO E 29 -3.49 -44.15 10.84
N ARG E 30 -3.74 -43.17 9.97
CA ARG E 30 -2.67 -42.59 9.16
C ARG E 30 -1.55 -41.94 9.96
N LYS E 31 -1.91 -41.18 10.99
CA LYS E 31 -0.93 -40.51 11.83
C LYS E 31 -0.16 -41.52 12.64
N ARG E 32 -0.81 -42.63 12.97
CA ARG E 32 -0.18 -43.68 13.75
C ARG E 32 0.91 -44.30 12.88
N GLN E 33 0.60 -44.52 11.59
CA GLN E 33 1.58 -45.09 10.67
C GLN E 33 2.79 -44.22 10.44
N GLU E 34 2.56 -42.93 10.25
CA GLU E 34 3.64 -41.98 10.02
C GLU E 34 4.59 -42.00 11.22
N ALA E 35 4.08 -42.37 12.39
CA ALA E 35 4.90 -42.44 13.60
C ALA E 35 5.69 -43.74 13.61
N VAL E 36 5.01 -44.85 13.32
CA VAL E 36 5.66 -46.15 13.28
C VAL E 36 6.75 -46.14 12.21
N ALA E 37 6.47 -45.48 11.09
CA ALA E 37 7.42 -45.40 10.00
C ALA E 37 8.56 -44.44 10.32
N GLY E 38 8.39 -43.64 11.37
CA GLY E 38 9.42 -42.70 11.76
C GLY E 38 9.40 -41.41 10.97
N ARG E 39 8.44 -41.25 10.07
CA ARG E 39 8.32 -40.04 9.27
C ARG E 39 7.90 -38.85 10.14
N ILE E 40 6.78 -39.00 10.86
CA ILE E 40 6.28 -37.96 11.77
C ILE E 40 6.19 -38.58 13.16
N PRO E 41 7.30 -38.64 13.89
CA PRO E 41 7.33 -39.21 15.23
C PRO E 41 6.41 -38.57 16.28
N ALA E 42 6.27 -37.24 16.25
CA ALA E 42 5.44 -36.54 17.23
C ALA E 42 4.54 -35.47 16.61
N ILE E 43 3.51 -35.09 17.35
CA ILE E 43 2.55 -34.08 16.93
C ILE E 43 2.28 -33.09 18.07
N PHE E 44 2.19 -31.80 17.75
CA PHE E 44 1.87 -30.79 18.76
C PHE E 44 0.37 -30.49 18.68
N SER E 45 -0.25 -30.19 19.82
CA SER E 45 -1.67 -29.85 19.84
C SER E 45 -1.74 -28.32 19.77
N PRO E 46 -2.94 -27.76 19.53
CA PRO E 46 -3.07 -26.31 19.48
C PRO E 46 -2.82 -25.80 20.89
N ALA E 47 -2.63 -24.50 21.03
CA ALA E 47 -2.36 -23.90 22.33
C ALA E 47 -3.60 -23.62 23.18
N PHE E 48 -3.43 -23.62 24.50
CA PHE E 48 -4.52 -23.31 25.43
C PHE E 48 -3.90 -22.57 26.62
N TYR E 49 -4.72 -21.91 27.44
CA TYR E 49 -4.19 -21.10 28.54
C TYR E 49 -4.82 -21.32 29.92
N THR E 50 -4.11 -20.87 30.96
CA THR E 50 -4.61 -21.00 32.33
C THR E 50 -5.69 -19.95 32.66
N SER E 51 -5.65 -18.83 31.95
CA SER E 51 -6.62 -17.74 32.10
C SER E 51 -6.53 -16.89 30.83
N ARG E 52 -7.38 -15.87 30.71
CA ARG E 52 -7.37 -15.05 29.51
C ARG E 52 -5.99 -14.49 29.17
N TYR E 53 -5.21 -14.15 30.21
CA TYR E 53 -3.86 -13.63 30.00
C TYR E 53 -2.86 -14.44 30.82
N GLY E 54 -3.08 -15.75 30.90
CA GLY E 54 -2.20 -16.61 31.66
C GLY E 54 -1.13 -17.34 30.86
N TYR E 55 -0.59 -18.41 31.43
CA TYR E 55 0.43 -19.20 30.76
C TYR E 55 -0.10 -19.78 29.46
N LYS E 56 0.75 -19.83 28.44
CA LYS E 56 0.38 -20.40 27.16
C LYS E 56 1.00 -21.79 27.16
N MET E 57 0.19 -22.82 26.89
CA MET E 57 0.65 -24.21 26.92
C MET E 57 0.13 -25.06 25.74
N CYS E 58 0.74 -26.23 25.52
CA CYS E 58 0.26 -27.14 24.50
C CYS E 58 0.75 -28.54 24.87
N LEU E 59 0.31 -29.54 24.11
CA LEU E 59 0.70 -30.93 24.37
C LEU E 59 1.50 -31.46 23.18
N ARG E 60 2.30 -32.49 23.42
CA ARG E 60 3.06 -33.11 22.34
C ARG E 60 2.93 -34.62 22.58
N ILE E 61 2.49 -35.34 21.56
CA ILE E 61 2.30 -36.77 21.68
C ILE E 61 3.13 -37.57 20.67
N TYR E 62 3.57 -38.75 21.08
CA TYR E 62 4.34 -39.65 20.21
C TYR E 62 3.44 -40.88 20.08
N LEU E 63 2.72 -41.01 18.97
CA LEU E 63 1.83 -42.14 18.79
C LEU E 63 2.51 -43.50 18.84
N ASN E 64 3.83 -43.55 18.64
CA ASN E 64 4.53 -44.82 18.71
C ASN E 64 5.62 -44.76 19.78
N GLY E 65 5.51 -43.78 20.68
CA GLY E 65 6.44 -43.64 21.78
C GLY E 65 7.70 -42.82 21.64
N ASP E 66 8.25 -42.43 22.80
CA ASP E 66 9.47 -41.66 22.90
C ASP E 66 10.31 -42.23 24.05
N GLY E 67 11.63 -42.14 23.91
CA GLY E 67 12.52 -42.63 24.95
C GLY E 67 12.21 -44.03 25.46
N THR E 68 12.02 -44.13 26.77
CA THR E 68 11.71 -45.40 27.41
C THR E 68 10.44 -46.07 26.88
N GLY E 69 9.60 -45.31 26.18
CA GLY E 69 8.38 -45.87 25.65
C GLY E 69 8.38 -46.09 24.14
N ARG E 70 9.51 -45.82 23.50
CA ARG E 70 9.62 -45.97 22.06
C ARG E 70 9.21 -47.37 21.61
N GLY E 71 8.37 -47.43 20.57
CA GLY E 71 7.91 -48.70 20.04
C GLY E 71 6.96 -49.52 20.90
N THR E 72 6.74 -49.10 22.15
CA THR E 72 5.86 -49.85 23.02
C THR E 72 4.70 -49.07 23.63
N HIS E 73 4.86 -47.76 23.75
CA HIS E 73 3.81 -46.95 24.36
C HIS E 73 3.48 -45.68 23.59
N LEU E 74 2.37 -45.09 24.00
CA LEU E 74 1.89 -43.83 23.46
C LEU E 74 2.55 -42.90 24.49
N SER E 75 3.38 -41.96 24.03
CA SER E 75 4.03 -41.04 24.97
C SER E 75 3.34 -39.67 24.88
N LEU E 76 2.98 -39.12 26.03
CA LEU E 76 2.29 -37.83 26.04
C LEU E 76 3.02 -36.84 26.94
N PHE E 77 3.35 -35.67 26.40
CA PHE E 77 4.07 -34.65 27.16
C PHE E 77 3.38 -33.28 27.17
N PHE E 78 3.68 -32.52 28.22
CA PHE E 78 3.17 -31.17 28.48
C PHE E 78 4.22 -30.18 27.99
N VAL E 79 3.79 -29.05 27.41
CA VAL E 79 4.72 -28.06 26.89
C VAL E 79 4.40 -26.63 27.31
N VAL E 80 5.38 -25.92 27.85
CA VAL E 80 5.19 -24.51 28.24
C VAL E 80 5.67 -23.68 27.05
N MET E 81 4.78 -22.86 26.50
CA MET E 81 5.12 -22.03 25.35
C MET E 81 5.37 -20.57 25.75
N LYS E 82 6.02 -19.82 24.87
CA LYS E 82 6.26 -18.41 25.16
C LYS E 82 4.91 -17.70 25.01
N GLY E 83 4.42 -17.12 26.09
CA GLY E 83 3.14 -16.42 26.05
C GLY E 83 3.33 -14.90 25.98
N PRO E 84 2.33 -14.17 25.44
CA PRO E 84 2.39 -12.71 25.32
C PRO E 84 2.45 -11.97 26.65
N ASN E 85 2.02 -12.65 27.72
CA ASN E 85 1.98 -12.03 29.03
C ASN E 85 2.97 -12.64 30.04
N ASP E 86 3.92 -13.43 29.55
CA ASP E 86 4.88 -14.08 30.45
C ASP E 86 5.54 -13.18 31.49
N ALA E 87 5.80 -11.92 31.12
CA ALA E 87 6.44 -10.97 32.04
C ALA E 87 5.60 -10.69 33.29
N LEU E 88 4.30 -10.93 33.21
CA LEU E 88 3.40 -10.70 34.34
C LEU E 88 3.19 -11.95 35.20
N LEU E 89 3.74 -13.08 34.74
CA LEU E 89 3.56 -14.36 35.44
C LEU E 89 4.71 -14.82 36.35
N ARG E 90 4.38 -15.69 37.29
CA ARG E 90 5.39 -16.22 38.20
C ARG E 90 6.10 -17.40 37.59
N TRP E 91 7.43 -17.43 37.75
CA TRP E 91 8.22 -18.54 37.22
C TRP E 91 9.14 -19.11 38.30
N PRO E 92 9.46 -20.41 38.21
CA PRO E 92 9.03 -21.36 37.18
C PRO E 92 7.54 -21.73 37.26
N PHE E 93 7.03 -22.28 36.16
CA PHE E 93 5.64 -22.73 36.10
C PHE E 93 5.54 -23.78 37.20
N ASN E 94 4.50 -23.71 38.02
CA ASN E 94 4.40 -24.67 39.11
C ASN E 94 2.97 -25.13 39.42
N GLN E 95 2.23 -25.48 38.38
CA GLN E 95 0.85 -25.95 38.57
C GLN E 95 0.81 -27.46 38.32
N LYS E 96 -0.06 -28.15 39.04
CA LYS E 96 -0.24 -29.58 38.88
C LYS E 96 -0.90 -29.80 37.52
N VAL E 97 -0.45 -30.82 36.78
CA VAL E 97 -1.02 -31.12 35.47
C VAL E 97 -1.57 -32.56 35.44
N THR E 98 -2.79 -32.72 34.93
CA THR E 98 -3.41 -34.04 34.81
C THR E 98 -3.60 -34.33 33.32
N LEU E 99 -3.19 -35.52 32.88
CA LEU E 99 -3.30 -35.91 31.48
C LEU E 99 -4.17 -37.17 31.35
N MET E 100 -5.05 -37.19 30.36
CA MET E 100 -5.97 -38.31 30.18
C MET E 100 -6.19 -38.74 28.72
N LEU E 101 -6.50 -40.03 28.54
CA LEU E 101 -6.84 -40.59 27.23
C LEU E 101 -8.28 -41.02 27.50
N LEU E 102 -9.24 -40.37 26.85
CA LEU E 102 -10.63 -40.67 27.10
C LEU E 102 -11.20 -41.94 26.49
N ASP E 103 -11.87 -42.72 27.34
CA ASP E 103 -12.52 -43.94 26.88
C ASP E 103 -13.83 -43.46 26.28
N GLN E 104 -14.04 -43.74 24.99
CA GLN E 104 -15.27 -43.31 24.34
C GLN E 104 -16.46 -44.21 24.70
N ASN E 105 -16.34 -44.88 25.83
CA ASN E 105 -17.37 -45.76 26.40
C ASN E 105 -17.44 -45.44 27.89
N ASN E 106 -16.84 -44.31 28.27
CA ASN E 106 -16.81 -43.83 29.64
C ASN E 106 -16.65 -44.90 30.70
N ARG E 107 -16.03 -46.02 30.33
CA ARG E 107 -15.81 -47.10 31.26
C ARG E 107 -14.56 -46.82 32.10
N GLU E 108 -13.41 -46.65 31.44
CA GLU E 108 -12.17 -46.38 32.14
C GLU E 108 -11.20 -45.50 31.34
N HIS E 109 -11.01 -44.28 31.80
CA HIS E 109 -10.10 -43.35 31.14
C HIS E 109 -8.68 -43.64 31.60
N VAL E 110 -7.70 -43.40 30.73
CA VAL E 110 -6.30 -43.59 31.11
C VAL E 110 -5.93 -42.25 31.74
N ILE E 111 -5.42 -42.27 32.97
CA ILE E 111 -5.07 -41.02 33.61
C ILE E 111 -3.75 -41.04 34.36
N ASP E 112 -3.13 -39.87 34.49
CA ASP E 112 -1.88 -39.72 35.21
C ASP E 112 -1.74 -38.22 35.51
N ALA E 113 -0.88 -37.88 36.45
CA ALA E 113 -0.68 -36.47 36.82
C ALA E 113 0.70 -36.26 37.40
N PHE E 114 1.14 -35.00 37.44
CA PHE E 114 2.45 -34.68 37.97
C PHE E 114 2.58 -33.22 38.40
N ARG E 115 3.58 -32.97 39.24
CA ARG E 115 3.88 -31.62 39.72
C ARG E 115 5.14 -31.25 38.96
N PRO E 116 5.20 -30.03 38.42
CA PRO E 116 6.39 -29.62 37.66
C PRO E 116 7.71 -29.83 38.40
N ASP E 117 8.76 -30.13 37.65
CA ASP E 117 10.10 -30.28 38.19
C ASP E 117 10.65 -28.86 38.13
N VAL E 118 10.61 -28.16 39.27
CA VAL E 118 11.06 -26.78 39.36
C VAL E 118 12.50 -26.49 38.93
N THR E 119 13.34 -27.53 38.88
CA THR E 119 14.72 -27.32 38.49
C THR E 119 14.96 -27.64 37.01
N SER E 120 13.91 -28.10 36.33
CA SER E 120 14.03 -28.45 34.92
C SER E 120 13.86 -27.26 33.98
N SER E 121 14.54 -27.32 32.83
CA SER E 121 14.46 -26.25 31.84
C SER E 121 13.06 -26.25 31.21
N SER E 122 12.32 -27.32 31.41
CA SER E 122 10.98 -27.40 30.84
C SER E 122 10.00 -26.44 31.50
N PHE E 123 10.27 -26.01 32.72
CA PHE E 123 9.32 -25.12 33.40
C PHE E 123 9.80 -23.70 33.71
N GLN E 124 10.91 -23.30 33.10
CA GLN E 124 11.44 -21.95 33.32
C GLN E 124 10.76 -21.02 32.31
N ARG E 125 10.85 -19.71 32.53
CA ARG E 125 10.24 -18.79 31.58
C ARG E 125 10.86 -19.06 30.22
N PRO E 126 10.03 -19.26 29.20
CA PRO E 126 10.49 -19.54 27.83
C PRO E 126 11.34 -18.44 27.19
N VAL E 127 12.47 -18.84 26.60
CA VAL E 127 13.36 -17.92 25.91
C VAL E 127 13.08 -18.10 24.43
N ASN E 128 12.79 -19.34 24.07
CA ASN E 128 12.47 -19.73 22.70
C ASN E 128 10.94 -19.81 22.58
N ASP E 129 10.47 -20.23 21.42
CA ASP E 129 9.03 -20.35 21.17
C ASP E 129 8.38 -21.37 22.12
N MET E 130 9.12 -22.43 22.44
CA MET E 130 8.64 -23.48 23.34
C MET E 130 9.80 -24.10 24.13
N ASN E 131 9.50 -24.63 25.32
CA ASN E 131 10.52 -25.30 26.12
C ASN E 131 10.45 -26.77 25.78
N ILE E 132 11.46 -27.52 26.18
CA ILE E 132 11.48 -28.96 25.92
C ILE E 132 10.26 -29.54 26.63
N ALA E 133 9.56 -30.47 25.97
CA ALA E 133 8.37 -31.07 26.56
C ALA E 133 8.74 -32.00 27.71
N SER E 134 7.80 -32.18 28.64
CA SER E 134 8.03 -33.06 29.79
C SER E 134 6.70 -33.67 30.23
N GLY E 135 6.74 -34.95 30.61
CA GLY E 135 5.51 -35.59 31.02
C GLY E 135 5.55 -37.09 31.22
N CYS E 136 4.77 -37.82 30.43
CA CYS E 136 4.63 -39.27 30.59
C CYS E 136 5.07 -40.12 29.39
N PRO E 137 6.33 -40.57 29.39
CA PRO E 137 6.83 -41.40 28.28
C PRO E 137 6.10 -42.75 28.16
N LEU E 138 5.59 -43.25 29.29
CA LEU E 138 4.88 -44.53 29.31
C LEU E 138 3.40 -44.31 29.65
N PHE E 139 2.77 -43.36 28.96
CA PHE E 139 1.38 -43.01 29.24
C PHE E 139 0.38 -44.13 28.98
N CYS E 140 0.45 -44.75 27.81
CA CYS E 140 -0.49 -45.82 27.48
C CYS E 140 0.08 -46.84 26.50
N PRO E 141 -0.02 -48.15 26.85
CA PRO E 141 0.50 -49.21 25.99
C PRO E 141 -0.15 -49.16 24.60
N VAL E 142 0.67 -49.28 23.56
CA VAL E 142 0.17 -49.24 22.19
C VAL E 142 -0.93 -50.26 21.98
N SER E 143 -0.88 -51.36 22.71
CA SER E 143 -1.86 -52.42 22.60
C SER E 143 -3.19 -52.00 23.21
N LYS E 144 -3.13 -51.44 24.42
CA LYS E 144 -4.34 -51.01 25.11
C LYS E 144 -5.19 -50.20 24.15
N MET E 145 -4.74 -49.00 23.81
CA MET E 145 -5.49 -48.18 22.87
C MET E 145 -5.20 -48.77 21.49
N GLU E 146 -5.45 -48.00 20.43
CA GLU E 146 -5.20 -48.49 19.07
C GLU E 146 -5.96 -49.79 18.80
N ALA E 147 -5.27 -50.92 18.97
CA ALA E 147 -5.83 -52.26 18.73
C ALA E 147 -7.36 -52.32 18.72
N LYS E 148 -7.94 -52.76 19.82
CA LYS E 148 -9.39 -52.84 19.93
C LYS E 148 -9.82 -51.80 20.94
N ASN E 149 -10.42 -52.25 22.03
CA ASN E 149 -10.87 -51.35 23.08
C ASN E 149 -11.75 -50.24 22.52
N SER E 150 -12.08 -49.27 23.36
CA SER E 150 -12.93 -48.17 22.93
C SER E 150 -12.30 -46.78 23.03
N TYR E 151 -10.97 -46.71 22.94
CA TYR E 151 -10.29 -45.41 22.99
C TYR E 151 -10.32 -44.84 21.58
N VAL E 152 -10.15 -45.71 20.61
CA VAL E 152 -10.17 -45.33 19.21
C VAL E 152 -11.56 -45.68 18.68
N ARG E 153 -12.26 -44.69 18.13
CA ARG E 153 -13.60 -44.91 17.58
C ARG E 153 -13.74 -44.04 16.35
N ASP E 154 -14.22 -44.62 15.27
CA ASP E 154 -14.37 -43.89 14.02
C ASP E 154 -13.06 -43.21 13.64
N ASP E 155 -11.97 -43.91 13.93
CA ASP E 155 -10.61 -43.45 13.61
C ASP E 155 -10.21 -42.12 14.24
N ALA E 156 -10.56 -41.95 15.52
CA ALA E 156 -10.24 -40.73 16.25
C ALA E 156 -10.14 -41.00 17.74
N ILE E 157 -9.29 -40.24 18.42
CA ILE E 157 -9.13 -40.37 19.86
C ILE E 157 -9.23 -38.98 20.48
N PHE E 158 -9.52 -38.92 21.78
CA PHE E 158 -9.60 -37.65 22.50
C PHE E 158 -8.64 -37.66 23.67
N ILE E 159 -7.78 -36.65 23.72
CA ILE E 159 -6.80 -36.51 24.80
C ILE E 159 -7.31 -35.33 25.63
N LYS E 160 -7.18 -35.41 26.94
CA LYS E 160 -7.64 -34.33 27.81
C LYS E 160 -6.60 -33.92 28.83
N ALA E 161 -6.44 -32.61 29.00
CA ALA E 161 -5.48 -32.08 29.96
C ALA E 161 -6.22 -31.13 30.89
N ILE E 162 -5.84 -31.16 32.17
CA ILE E 162 -6.43 -30.32 33.20
C ILE E 162 -5.31 -29.71 34.01
N VAL E 163 -5.14 -28.39 33.90
CA VAL E 163 -4.11 -27.70 34.65
C VAL E 163 -4.76 -27.12 35.90
N ASP E 164 -4.27 -27.56 37.06
CA ASP E 164 -4.79 -27.07 38.34
C ASP E 164 -4.47 -25.58 38.48
N LEU E 165 -5.48 -24.78 38.84
CA LEU E 165 -5.30 -23.35 38.96
C LEU E 165 -5.06 -22.82 40.37
N THR E 166 -4.73 -23.72 41.31
CA THR E 166 -4.47 -23.31 42.69
C THR E 166 -3.36 -22.27 42.72
N GLY E 167 -3.66 -21.09 43.26
CA GLY E 167 -2.66 -20.04 43.33
C GLY E 167 -2.79 -18.98 42.25
N LEU E 168 -3.55 -19.28 41.20
CA LEU E 168 -3.72 -18.33 40.11
C LEU E 168 -5.11 -17.69 40.20
N ALA F 1 -9.84 -5.59 1.00
CA ALA F 1 -10.45 -6.67 1.83
C ALA F 1 -9.36 -7.60 2.36
N MET F 2 -8.30 -7.78 1.59
CA MET F 2 -7.18 -8.63 1.98
C MET F 2 -6.65 -8.18 3.34
N ALA F 3 -6.45 -6.88 3.47
CA ALA F 3 -5.94 -6.29 4.71
C ALA F 3 -7.12 -5.97 5.63
N ASP F 4 -8.29 -5.78 5.02
CA ASP F 4 -9.50 -5.46 5.77
C ASP F 4 -9.93 -6.67 6.60
N LEU F 5 -9.91 -7.86 5.99
CA LEU F 5 -10.29 -9.07 6.69
C LEU F 5 -9.23 -9.49 7.70
N GLU F 6 -7.99 -9.07 7.45
CA GLU F 6 -6.90 -9.39 8.37
C GLU F 6 -7.19 -8.69 9.69
N GLN F 7 -7.77 -7.50 9.62
CA GLN F 7 -8.10 -6.73 10.81
C GLN F 7 -9.24 -7.38 11.60
N LYS F 8 -10.13 -8.07 10.90
CA LYS F 8 -11.26 -8.73 11.55
C LYS F 8 -10.77 -9.87 12.45
N VAL F 9 -9.84 -10.65 11.93
CA VAL F 9 -9.26 -11.76 12.68
C VAL F 9 -8.45 -11.21 13.84
N LEU F 10 -7.75 -10.11 13.58
CA LEU F 10 -6.92 -9.46 14.59
C LEU F 10 -7.79 -8.96 15.75
N GLU F 11 -8.92 -8.34 15.42
CA GLU F 11 -9.83 -7.81 16.43
C GLU F 11 -10.44 -8.92 17.29
N MET F 12 -10.82 -10.02 16.65
CA MET F 12 -11.40 -11.15 17.35
C MET F 12 -10.38 -11.76 18.31
N GLU F 13 -9.14 -11.77 17.86
CA GLU F 13 -8.02 -12.32 18.62
C GLU F 13 -7.85 -11.61 19.97
N ALA F 14 -8.04 -10.29 19.98
CA ALA F 14 -7.88 -9.50 21.20
C ALA F 14 -9.14 -9.28 22.03
N SER F 15 -10.31 -9.57 21.46
CA SER F 15 -11.55 -9.35 22.18
C SER F 15 -11.78 -10.23 23.43
N THR F 16 -12.40 -9.64 24.45
CA THR F 16 -12.73 -10.39 25.67
C THR F 16 -14.20 -10.09 25.95
N TYR F 17 -14.86 -10.95 26.71
CA TYR F 17 -16.27 -10.73 26.99
C TYR F 17 -16.67 -10.82 28.46
N ASP F 18 -15.79 -10.41 29.35
CA ASP F 18 -16.09 -10.44 30.78
C ASP F 18 -15.73 -9.11 31.45
N GLY F 19 -15.53 -8.08 30.65
CA GLY F 19 -15.19 -6.77 31.20
C GLY F 19 -13.75 -6.55 31.61
N VAL F 20 -12.90 -7.56 31.46
CA VAL F 20 -11.50 -7.44 31.83
C VAL F 20 -10.63 -7.42 30.57
N PHE F 21 -9.76 -6.43 30.48
CA PHE F 21 -8.90 -6.29 29.30
C PHE F 21 -7.49 -5.92 29.71
N ILE F 22 -6.50 -6.57 29.07
CA ILE F 22 -5.10 -6.27 29.31
C ILE F 22 -4.51 -5.92 27.95
N TRP F 23 -4.01 -4.70 27.86
CA TRP F 23 -3.47 -4.14 26.63
C TRP F 23 -1.94 -4.04 26.66
N LYS F 24 -1.29 -4.84 25.82
CA LYS F 24 0.17 -4.83 25.75
C LYS F 24 0.61 -3.89 24.62
N ILE F 25 1.38 -2.87 24.99
CA ILE F 25 1.88 -1.91 24.02
C ILE F 25 3.37 -2.14 23.84
N SER F 26 3.76 -2.79 22.75
CA SER F 26 5.17 -3.06 22.45
C SER F 26 5.79 -1.90 21.69
N ASP F 27 7.12 -1.91 21.56
CA ASP F 27 7.82 -0.85 20.85
C ASP F 27 7.47 0.49 21.52
N PHE F 28 7.41 0.48 22.84
CA PHE F 28 7.09 1.67 23.64
C PHE F 28 7.90 2.93 23.34
N PRO F 29 9.23 2.82 23.34
CA PRO F 29 10.09 3.97 23.08
C PRO F 29 9.75 4.68 21.78
N ARG F 30 9.58 3.92 20.71
CA ARG F 30 9.24 4.48 19.41
C ARG F 30 7.90 5.23 19.43
N LYS F 31 6.86 4.57 19.91
CA LYS F 31 5.53 5.18 19.95
C LYS F 31 5.54 6.39 20.86
N ARG F 32 6.34 6.28 21.92
CA ARG F 32 6.49 7.35 22.90
C ARG F 32 7.04 8.59 22.19
N GLN F 33 8.09 8.38 21.39
CA GLN F 33 8.70 9.48 20.66
C GLN F 33 7.75 10.07 19.60
N GLU F 34 6.95 9.22 18.96
CA GLU F 34 6.01 9.68 17.94
C GLU F 34 4.98 10.60 18.59
N ALA F 35 4.72 10.38 19.88
CA ALA F 35 3.77 11.20 20.62
C ALA F 35 4.42 12.53 21.01
N VAL F 36 5.65 12.46 21.51
CA VAL F 36 6.38 13.67 21.90
C VAL F 36 6.54 14.59 20.70
N ALA F 37 6.87 14.02 19.55
CA ALA F 37 7.04 14.78 18.31
C ALA F 37 5.71 15.30 17.77
N GLY F 38 4.61 14.77 18.31
CA GLY F 38 3.30 15.19 17.87
C GLY F 38 2.77 14.55 16.59
N ARG F 39 3.50 13.58 16.06
CA ARG F 39 3.09 12.87 14.85
C ARG F 39 1.90 11.93 15.10
N ILE F 40 1.94 11.21 16.22
CA ILE F 40 0.86 10.30 16.61
C ILE F 40 0.62 10.54 18.09
N PRO F 41 -0.23 11.51 18.42
CA PRO F 41 -0.59 11.91 19.79
C PRO F 41 -1.25 10.81 20.62
N ALA F 42 -2.13 10.04 20.00
CA ALA F 42 -2.86 9.01 20.74
C ALA F 42 -2.98 7.69 20.01
N ILE F 43 -3.28 6.65 20.78
CA ILE F 43 -3.44 5.30 20.24
C ILE F 43 -4.68 4.67 20.85
N PHE F 44 -5.46 3.96 20.03
CA PHE F 44 -6.63 3.24 20.52
C PHE F 44 -6.26 1.78 20.75
N SER F 45 -6.94 1.13 21.68
CA SER F 45 -6.69 -0.29 21.94
C SER F 45 -7.76 -1.08 21.19
N PRO F 46 -7.61 -2.41 21.12
CA PRO F 46 -8.63 -3.21 20.44
C PRO F 46 -9.91 -3.14 21.28
N ALA F 47 -11.02 -3.59 20.74
CA ALA F 47 -12.29 -3.53 21.46
C ALA F 47 -12.55 -4.75 22.33
N PHE F 48 -13.26 -4.55 23.44
CA PHE F 48 -13.64 -5.65 24.34
C PHE F 48 -15.08 -5.39 24.82
N TYR F 49 -15.69 -6.38 25.46
CA TYR F 49 -17.09 -6.24 25.88
C TYR F 49 -17.40 -6.65 27.32
N THR F 50 -18.55 -6.21 27.83
CA THR F 50 -18.97 -6.55 29.19
C THR F 50 -19.57 -7.96 29.28
N SER F 51 -20.08 -8.44 28.15
CA SER F 51 -20.67 -9.77 28.04
C SER F 51 -20.76 -10.12 26.55
N ARG F 52 -21.09 -11.36 26.25
CA ARG F 52 -21.17 -11.81 24.87
C ARG F 52 -21.99 -10.86 24.02
N TYR F 53 -23.05 -10.29 24.59
CA TYR F 53 -23.89 -9.35 23.86
C TYR F 53 -24.02 -8.02 24.61
N GLY F 54 -22.95 -7.62 25.29
CA GLY F 54 -22.98 -6.38 26.05
C GLY F 54 -22.39 -5.16 25.35
N TYR F 55 -21.99 -4.18 26.15
CA TYR F 55 -21.42 -2.94 25.62
C TYR F 55 -20.06 -3.20 24.94
N LYS F 56 -19.79 -2.42 23.90
CA LYS F 56 -18.53 -2.50 23.18
C LYS F 56 -17.71 -1.31 23.65
N MET F 57 -16.46 -1.57 24.05
CA MET F 57 -15.60 -0.53 24.60
C MET F 57 -14.14 -0.67 24.13
N CYS F 58 -13.35 0.38 24.34
CA CYS F 58 -11.91 0.32 24.05
C CYS F 58 -11.25 1.42 24.88
N LEU F 59 -9.93 1.49 24.80
CA LEU F 59 -9.20 2.49 25.56
C LEU F 59 -8.45 3.40 24.58
N ARG F 60 -8.08 4.59 25.04
CA ARG F 60 -7.30 5.50 24.22
C ARG F 60 -6.23 6.10 25.12
N ILE F 61 -4.98 6.01 24.69
CA ILE F 61 -3.89 6.53 25.49
C ILE F 61 -3.06 7.59 24.77
N TYR F 62 -2.55 8.55 25.55
CA TYR F 62 -1.69 9.62 25.02
C TYR F 62 -0.37 9.43 25.78
N LEU F 63 0.63 8.85 25.12
CA LEU F 63 1.91 8.59 25.75
C LEU F 63 2.67 9.84 26.19
N ASN F 64 2.22 11.02 25.76
CA ASN F 64 2.86 12.27 26.19
C ASN F 64 1.83 13.25 26.72
N GLY F 65 0.68 12.73 27.14
CA GLY F 65 -0.36 13.56 27.73
C GLY F 65 -1.39 14.29 26.90
N ASP F 66 -2.53 14.58 27.55
CA ASP F 66 -3.63 15.31 26.94
C ASP F 66 -4.20 16.30 27.94
N GLY F 67 -4.63 17.45 27.45
CA GLY F 67 -5.20 18.46 28.32
C GLY F 67 -4.31 18.86 29.48
N THR F 68 -4.82 18.71 30.69
CA THR F 68 -4.09 19.07 31.89
C THR F 68 -2.83 18.24 32.13
N GLY F 69 -2.67 17.16 31.36
CA GLY F 69 -1.49 16.33 31.52
C GLY F 69 -0.52 16.38 30.35
N ARG F 70 -0.85 17.18 29.35
CA ARG F 70 -0.01 17.32 28.16
C ARG F 70 1.44 17.60 28.50
N GLY F 71 2.33 16.76 27.96
CA GLY F 71 3.76 16.92 28.18
C GLY F 71 4.30 16.51 29.53
N THR F 72 3.42 16.17 30.46
CA THR F 72 3.86 15.78 31.80
C THR F 72 3.37 14.41 32.27
N HIS F 73 2.26 13.94 31.71
CA HIS F 73 1.71 12.65 32.11
C HIS F 73 1.29 11.76 30.96
N LEU F 74 1.10 10.49 31.29
CA LEU F 74 0.60 9.53 30.35
C LEU F 74 -0.90 9.71 30.66
N SER F 75 -1.70 9.97 29.64
CA SER F 75 -3.15 10.17 29.85
C SER F 75 -3.89 8.95 29.31
N LEU F 76 -4.76 8.37 30.14
CA LEU F 76 -5.50 7.17 29.76
C LEU F 76 -7.02 7.39 29.82
N PHE F 77 -7.70 7.10 28.72
CA PHE F 77 -9.14 7.30 28.65
C PHE F 77 -9.95 6.05 28.26
N PHE F 78 -11.21 6.05 28.66
CA PHE F 78 -12.16 4.96 28.42
C PHE F 78 -13.06 5.40 27.25
N VAL F 79 -13.45 4.46 26.40
CA VAL F 79 -14.29 4.77 25.25
C VAL F 79 -15.50 3.85 25.06
N VAL F 80 -16.68 4.44 24.92
CA VAL F 80 -17.88 3.66 24.66
C VAL F 80 -18.01 3.68 23.13
N MET F 81 -18.03 2.50 22.53
CA MET F 81 -18.14 2.38 21.07
C MET F 81 -19.53 1.90 20.67
N LYS F 82 -19.94 2.19 19.43
CA LYS F 82 -21.24 1.73 18.97
C LYS F 82 -21.17 0.20 18.88
N GLY F 83 -21.96 -0.47 19.71
CA GLY F 83 -21.97 -1.92 19.72
C GLY F 83 -23.14 -2.49 18.94
N PRO F 84 -23.03 -3.73 18.44
CA PRO F 84 -24.08 -4.39 17.66
C PRO F 84 -25.40 -4.62 18.41
N ASN F 85 -25.33 -4.67 19.73
CA ASN F 85 -26.51 -4.93 20.54
C ASN F 85 -26.95 -3.75 21.41
N ASP F 86 -26.52 -2.54 21.06
CA ASP F 86 -26.86 -1.36 21.85
C ASP F 86 -28.35 -1.16 22.12
N ALA F 87 -29.20 -1.58 21.18
CA ALA F 87 -30.64 -1.45 21.33
C ALA F 87 -31.19 -2.24 22.51
N LEU F 88 -30.48 -3.30 22.90
CA LEU F 88 -30.93 -4.15 24.00
C LEU F 88 -30.34 -3.75 25.35
N LEU F 89 -29.47 -2.73 25.35
CA LEU F 89 -28.82 -2.29 26.57
C LEU F 89 -29.38 -1.02 27.21
N ARG F 90 -29.10 -0.84 28.50
CA ARG F 90 -29.57 0.32 29.23
C ARG F 90 -28.59 1.49 29.07
N TRP F 91 -29.14 2.69 28.90
CA TRP F 91 -28.33 3.88 28.75
C TRP F 91 -28.83 4.98 29.70
N PRO F 92 -27.93 5.86 30.14
CA PRO F 92 -26.49 5.89 29.81
C PRO F 92 -25.67 4.79 30.46
N PHE F 93 -24.48 4.54 29.90
CA PHE F 93 -23.54 3.55 30.42
C PHE F 93 -23.25 3.99 31.86
N ASN F 94 -23.41 3.09 32.83
CA ASN F 94 -23.19 3.47 34.21
C ASN F 94 -22.42 2.46 35.08
N GLN F 95 -21.44 1.78 34.48
CA GLN F 95 -20.65 0.80 35.21
C GLN F 95 -19.33 1.43 35.70
N LYS F 96 -18.88 1.04 36.88
CA LYS F 96 -17.63 1.57 37.42
C LYS F 96 -16.48 1.04 36.55
N VAL F 97 -15.48 1.88 36.31
CA VAL F 97 -14.34 1.49 35.50
C VAL F 97 -13.04 1.67 36.28
N THR F 98 -12.20 0.64 36.28
CA THR F 98 -10.91 0.67 36.97
C THR F 98 -9.81 0.60 35.91
N LEU F 99 -8.83 1.49 35.99
CA LEU F 99 -7.72 1.53 35.04
C LEU F 99 -6.38 1.35 35.77
N MET F 100 -5.46 0.59 35.15
CA MET F 100 -4.17 0.32 35.77
C MET F 100 -2.99 0.26 34.80
N LEU F 101 -1.81 0.64 35.31
CA LEU F 101 -0.54 0.53 34.58
C LEU F 101 0.14 -0.51 35.45
N LEU F 102 0.41 -1.69 34.88
CA LEU F 102 0.98 -2.77 35.65
C LEU F 102 2.48 -2.73 35.86
N ASP F 103 2.88 -2.87 37.11
CA ASP F 103 4.28 -2.91 37.45
C ASP F 103 4.72 -4.30 37.04
N GLN F 104 5.83 -4.41 36.32
CA GLN F 104 6.28 -5.74 35.91
C GLN F 104 7.18 -6.43 36.91
N ASN F 105 6.95 -6.10 38.17
CA ASN F 105 7.64 -6.66 39.34
C ASN F 105 6.56 -6.86 40.40
N ASN F 106 5.31 -6.66 40.00
CA ASN F 106 4.14 -6.78 40.87
C ASN F 106 4.26 -6.02 42.19
N ARG F 107 5.23 -5.11 42.25
CA ARG F 107 5.44 -4.32 43.45
C ARG F 107 4.23 -3.40 43.68
N GLU F 108 4.10 -2.38 42.85
CA GLU F 108 3.00 -1.44 42.98
C GLU F 108 2.46 -0.97 41.64
N HIS F 109 1.22 -1.36 41.34
CA HIS F 109 0.60 -0.96 40.09
C HIS F 109 0.03 0.45 40.25
N VAL F 110 -0.05 1.19 39.15
CA VAL F 110 -0.65 2.51 39.20
C VAL F 110 -2.12 2.17 39.00
N ILE F 111 -2.99 2.71 39.84
CA ILE F 111 -4.42 2.41 39.70
C ILE F 111 -5.33 3.59 40.03
N ASP F 112 -6.43 3.70 39.31
CA ASP F 112 -7.41 4.75 39.54
C ASP F 112 -8.74 4.17 39.08
N ALA F 113 -9.85 4.74 39.54
CA ALA F 113 -11.16 4.25 39.14
C ALA F 113 -12.16 5.39 39.16
N PHE F 114 -13.25 5.21 38.41
CA PHE F 114 -14.27 6.25 38.36
C PHE F 114 -15.63 5.66 38.01
N ARG F 115 -16.67 6.40 38.35
CA ARG F 115 -18.02 6.01 38.02
C ARG F 115 -18.39 7.00 36.92
N PRO F 116 -19.05 6.53 35.84
CA PRO F 116 -19.44 7.38 34.72
C PRO F 116 -20.20 8.66 35.06
N ASP F 117 -19.91 9.70 34.29
CA ASP F 117 -20.59 10.98 34.44
C ASP F 117 -21.84 10.82 33.57
N VAL F 118 -22.96 10.49 34.21
CA VAL F 118 -24.22 10.27 33.53
C VAL F 118 -24.72 11.42 32.65
N THR F 119 -24.21 12.63 32.86
CA THR F 119 -24.66 13.76 32.05
C THR F 119 -23.73 14.06 30.88
N SER F 120 -22.64 13.30 30.78
CA SER F 120 -21.67 13.51 29.71
C SER F 120 -21.99 12.77 28.42
N SER F 121 -21.73 13.41 27.29
CA SER F 121 -21.99 12.78 26.01
C SER F 121 -21.19 11.49 25.89
N SER F 122 -20.07 11.41 26.61
CA SER F 122 -19.21 10.22 26.57
C SER F 122 -19.91 8.91 26.95
N PHE F 123 -20.95 8.98 27.77
CA PHE F 123 -21.64 7.77 28.20
C PHE F 123 -23.08 7.57 27.71
N GLN F 124 -23.49 8.30 26.68
CA GLN F 124 -24.83 8.15 26.14
C GLN F 124 -24.75 7.09 25.04
N ARG F 125 -25.90 6.55 24.61
CA ARG F 125 -25.86 5.56 23.54
C ARG F 125 -25.21 6.20 22.32
N PRO F 126 -24.17 5.55 21.76
CA PRO F 126 -23.46 6.06 20.60
C PRO F 126 -24.29 6.25 19.32
N VAL F 127 -24.13 7.43 18.72
CA VAL F 127 -24.80 7.76 17.46
C VAL F 127 -23.75 7.57 16.35
N ASN F 128 -22.50 7.84 16.70
CA ASN F 128 -21.35 7.71 15.79
C ASN F 128 -20.63 6.40 16.12
N ASP F 129 -19.49 6.15 15.47
CA ASP F 129 -18.70 4.95 15.73
C ASP F 129 -18.25 4.83 17.17
N MET F 130 -17.92 5.97 17.77
CA MET F 130 -17.46 6.03 19.16
C MET F 130 -17.80 7.39 19.75
N ASN F 131 -17.96 7.45 21.07
CA ASN F 131 -18.20 8.71 21.74
C ASN F 131 -16.83 9.29 22.07
N ILE F 132 -16.82 10.50 22.61
CA ILE F 132 -15.59 11.16 23.00
C ILE F 132 -15.03 10.38 24.19
N ALA F 133 -13.71 10.19 24.23
CA ALA F 133 -13.09 9.43 25.31
C ALA F 133 -13.09 10.21 26.62
N SER F 134 -13.22 9.50 27.73
CA SER F 134 -13.25 10.13 29.04
C SER F 134 -12.50 9.28 30.06
N GLY F 135 -11.77 9.94 30.96
CA GLY F 135 -11.02 9.19 31.94
C GLY F 135 -10.05 9.93 32.84
N CYS F 136 -8.77 9.59 32.74
CA CYS F 136 -7.72 10.13 33.60
C CYS F 136 -6.60 10.88 32.88
N PRO F 137 -6.70 12.21 32.78
CA PRO F 137 -5.69 13.06 32.10
C PRO F 137 -4.33 12.98 32.79
N LEU F 138 -4.35 12.80 34.11
CA LEU F 138 -3.12 12.73 34.91
C LEU F 138 -2.96 11.33 35.48
N PHE F 139 -3.10 10.32 34.63
CA PHE F 139 -3.00 8.94 35.09
C PHE F 139 -1.63 8.55 35.67
N CYS F 140 -0.55 8.92 35.01
CA CYS F 140 0.79 8.56 35.49
C CYS F 140 1.84 9.56 35.01
N PRO F 141 2.69 10.04 35.93
CA PRO F 141 3.75 11.00 35.58
C PRO F 141 4.70 10.31 34.60
N VAL F 142 5.12 11.04 33.58
CA VAL F 142 6.03 10.49 32.56
C VAL F 142 7.32 9.96 33.18
N SER F 143 7.71 10.54 34.32
CA SER F 143 8.93 10.11 35.00
C SER F 143 8.70 8.78 35.70
N LYS F 144 7.54 8.65 36.34
CA LYS F 144 7.16 7.44 37.05
C LYS F 144 7.47 6.24 36.17
N MET F 145 6.74 6.11 35.08
CA MET F 145 6.97 5.02 34.16
C MET F 145 8.05 5.50 33.20
N GLU F 146 8.11 4.94 32.00
CA GLU F 146 9.10 5.35 31.02
C GLU F 146 10.51 5.28 31.60
N ALA F 147 10.97 6.40 32.15
CA ALA F 147 12.31 6.53 32.74
C ALA F 147 12.96 5.20 33.06
N LYS F 148 12.80 4.77 34.31
CA LYS F 148 13.37 3.50 34.75
C LYS F 148 12.21 2.73 35.37
N ASN F 149 12.27 2.54 36.69
CA ASN F 149 11.23 1.80 37.39
C ASN F 149 11.01 0.48 36.68
N SER F 150 9.92 -0.20 37.01
CA SER F 150 9.64 -1.48 36.39
C SER F 150 8.31 -1.56 35.66
N TYR F 151 7.85 -0.42 35.12
CA TYR F 151 6.61 -0.39 34.35
C TYR F 151 6.93 -0.68 32.91
N VAL F 152 8.10 -0.26 32.46
CA VAL F 152 8.54 -0.53 31.10
C VAL F 152 9.60 -1.62 31.19
N ARG F 153 9.39 -2.74 30.51
CA ARG F 153 10.36 -3.82 30.52
C ARG F 153 10.42 -4.38 29.12
N ASP F 154 11.64 -4.56 28.62
CA ASP F 154 11.84 -5.06 27.26
C ASP F 154 11.03 -4.23 26.28
N ASP F 155 11.04 -2.92 26.52
CA ASP F 155 10.38 -1.95 25.67
C ASP F 155 8.87 -2.15 25.47
N ALA F 156 8.19 -2.62 26.50
CA ALA F 156 6.75 -2.83 26.46
C ALA F 156 6.11 -2.51 27.82
N ILE F 157 4.87 -2.06 27.79
CA ILE F 157 4.13 -1.77 29.02
C ILE F 157 2.80 -2.50 28.91
N PHE F 158 2.12 -2.69 30.03
CA PHE F 158 0.82 -3.35 30.06
C PHE F 158 -0.21 -2.48 30.76
N ILE F 159 -1.32 -2.23 30.08
CA ILE F 159 -2.43 -1.44 30.64
C ILE F 159 -3.58 -2.41 30.90
N LYS F 160 -4.23 -2.28 32.07
CA LYS F 160 -5.35 -3.15 32.39
C LYS F 160 -6.60 -2.36 32.74
N ALA F 161 -7.75 -2.84 32.25
CA ALA F 161 -9.03 -2.20 32.52
C ALA F 161 -9.98 -3.25 33.08
N ILE F 162 -10.74 -2.86 34.09
CA ILE F 162 -11.72 -3.75 34.72
C ILE F 162 -13.04 -3.00 34.79
N VAL F 163 -14.04 -3.50 34.08
CA VAL F 163 -15.35 -2.88 34.06
C VAL F 163 -16.25 -3.66 34.99
N ASP F 164 -16.71 -3.03 36.07
CA ASP F 164 -17.58 -3.70 37.03
C ASP F 164 -18.87 -4.15 36.34
N LEU F 165 -19.31 -5.36 36.64
CA LEU F 165 -20.51 -5.91 36.02
C LEU F 165 -21.77 -5.90 36.87
N THR F 166 -21.75 -5.12 37.95
CA THR F 166 -22.92 -5.04 38.83
C THR F 166 -24.15 -4.56 38.06
N GLY F 167 -25.20 -5.37 38.07
CA GLY F 167 -26.42 -4.99 37.39
C GLY F 167 -26.53 -5.53 35.97
N LEU F 168 -25.49 -6.21 35.52
CA LEU F 168 -25.49 -6.77 34.18
C LEU F 168 -25.52 -8.30 34.26
C ACE G 1 -15.64 3.56 -22.90
O ACE G 1 -16.61 4.11 -23.44
CH3 ACE G 1 -15.82 2.77 -21.63
N PRO G 2 -14.41 3.66 -23.42
CA PRO G 2 -14.16 4.42 -24.65
C PRO G 2 -14.88 3.82 -25.85
N ILE G 3 -15.10 4.65 -26.87
CA ILE G 3 -15.76 4.22 -28.10
C ILE G 3 -14.79 4.49 -29.25
N GLN G 4 -14.64 3.52 -30.15
CA GLN G 4 -13.72 3.69 -31.26
C GLN G 4 -14.21 4.70 -32.30
N GLU G 5 -13.26 5.35 -32.95
CA GLU G 5 -13.57 6.31 -33.99
C GLU G 5 -14.14 5.50 -35.15
N GLU G 6 -15.04 6.08 -35.93
CA GLU G 6 -15.60 5.37 -37.06
C GLU G 6 -14.86 5.78 -38.32
C ACE H 1 35.92 -3.26 -10.73
O ACE H 1 36.08 -4.38 -11.23
CH3 ACE H 1 35.95 -3.08 -9.23
N PRO H 2 35.69 -2.17 -11.49
CA PRO H 2 35.65 -2.23 -12.96
C PRO H 2 37.01 -2.56 -13.56
N ILE H 3 36.97 -3.11 -14.77
CA ILE H 3 38.18 -3.49 -15.50
C ILE H 3 38.20 -2.73 -16.84
N GLN H 4 39.31 -2.06 -17.14
CA GLN H 4 39.39 -1.29 -18.37
C GLN H 4 39.33 -2.15 -19.63
N GLU H 5 38.82 -1.56 -20.70
CA GLU H 5 38.73 -2.24 -21.99
C GLU H 5 40.17 -2.33 -22.51
N GLU H 6 40.48 -3.37 -23.28
CA GLU H 6 41.82 -3.50 -23.82
C GLU H 6 41.87 -2.98 -25.26
C ACE I 1 14.01 45.27 -6.82
O ACE I 1 15.06 45.92 -6.83
CH3 ACE I 1 13.15 45.20 -5.57
N PRO I 2 13.59 44.61 -7.90
CA PRO I 2 14.34 44.61 -9.15
C PRO I 2 14.38 45.99 -9.80
N ILE I 3 15.44 46.25 -10.55
CA ILE I 3 15.61 47.52 -11.24
C ILE I 3 15.70 47.22 -12.74
N GLN I 4 14.87 47.89 -13.54
CA GLN I 4 14.88 47.66 -14.97
C GLN I 4 16.19 48.10 -15.61
N GLU I 5 16.54 47.42 -16.70
CA GLU I 5 17.75 47.74 -17.43
C GLU I 5 17.49 49.07 -18.11
N GLU I 6 18.54 49.80 -18.44
CA GLU I 6 18.38 51.08 -19.11
C GLU I 6 18.73 50.91 -20.58
C ACE J 1 -43.29 -30.25 20.09
O ACE J 1 -44.22 -29.77 19.45
CH3 ACE J 1 -43.57 -30.96 21.41
N PRO J 2 -42.02 -30.20 19.67
CA PRO J 2 -41.65 -29.54 18.41
C PRO J 2 -42.25 -30.15 17.15
N ILE J 3 -42.38 -29.32 16.12
CA ILE J 3 -42.93 -29.73 14.84
C ILE J 3 -41.87 -29.46 13.75
N GLN J 4 -41.51 -30.50 13.00
CA GLN J 4 -40.51 -30.33 11.95
C GLN J 4 -40.94 -29.37 10.87
N GLU J 5 -39.97 -28.69 10.27
CA GLU J 5 -40.23 -27.75 9.19
C GLU J 5 -40.64 -28.62 8.00
N GLU J 6 -41.46 -28.08 7.11
CA GLU J 6 -41.88 -28.86 5.96
C GLU J 6 -40.99 -28.52 4.76
C ACE K 1 7.63 -36.46 37.15
O ACE K 1 7.77 -37.59 36.70
CH3 ACE K 1 7.60 -36.21 38.63
N PRO K 2 7.48 -35.40 36.34
CA PRO K 2 7.50 -35.52 34.88
C PRO K 2 8.89 -35.86 34.36
N ILE K 3 8.93 -36.49 33.21
CA ILE K 3 10.19 -36.87 32.56
C ILE K 3 10.22 -36.15 31.23
N GLN K 4 11.35 -35.52 30.91
CA GLN K 4 11.47 -34.81 29.65
C GLN K 4 11.50 -35.78 28.48
N GLU K 5 11.00 -35.31 27.35
CA GLU K 5 10.97 -36.10 26.13
C GLU K 5 12.41 -36.22 25.67
N GLU K 6 12.75 -37.31 24.99
CA GLU K 6 14.11 -37.43 24.47
C GLU K 6 14.05 -36.97 23.02
C ACE L 1 -14.56 11.57 36.90
O ACE L 1 -13.54 12.23 37.07
CH3 ACE L 1 -15.58 11.45 38.02
N PRO L 2 -14.80 10.93 35.75
CA PRO L 2 -13.89 10.96 34.60
C PRO L 2 -13.87 12.34 33.94
N ILE L 3 -12.77 12.62 33.25
CA ILE L 3 -12.59 13.89 32.55
C ILE L 3 -12.40 13.58 31.06
N GLN L 4 -13.15 14.26 30.19
CA GLN L 4 -13.03 14.01 28.76
C GLN L 4 -11.68 14.43 28.19
N GLU L 5 -11.24 13.73 27.16
CA GLU L 5 -9.99 14.05 26.48
C GLU L 5 -10.22 15.37 25.76
N GLU L 6 -9.19 16.20 25.65
CA GLU L 6 -9.36 17.47 24.93
C GLU L 6 -8.96 17.32 23.48
#